data_4H3B
#
_entry.id   4H3B
#
_cell.length_a   84.520
_cell.length_b   84.520
_cell.length_c   127.250
_cell.angle_alpha   90.00
_cell.angle_beta   90.00
_cell.angle_gamma   120.00
#
_symmetry.space_group_name_H-M   'P 31'
#
loop_
_entity.id
_entity.type
_entity.pdbx_description
1 polymer 'Mitogen-activated protein kinase 10'
2 polymer 'SH3 domain-binding protein 5'
3 water water
#
loop_
_entity_poly.entity_id
_entity_poly.type
_entity_poly.pdbx_seq_one_letter_code
_entity_poly.pdbx_strand_id
1 'polypeptide(L)'
;DNQFYSVEVGDSTFTVLKRYQNLKPIGSGAQGIVCAAYDAVLDRNVAIKKLSRPFQNQTHAKRAYRELVLMKCVNHKNII
SLLNVFTPQKTLEEFQDVYLVMELMDANLCQVIQMELDHERMSYLLYQMLCGIKHLHSAGIIHRDLKPSNIVVKSDCTLK
ILDFGLARTAGTSFMMTPYVVTRYYRAPEVILGMGYKENVDIWSVGCIMGEMVRHKILFPGRDYIDQWNKVIEQLGTPCP
EFMKKLQPTVRNYVENRPKYAGLTFPKLFPDSLFPADSEHNKLKASQARDLLSKMLVIDPAKRISVDDALQHPYINVWYD
PAEVEAPPPQIYDKQLDEREHTIEEWKELIYKEVMN
;
A,C
2 'polypeptide(L)' VVRPGSLDLP B,D
#
# COMPACT_ATOMS: atom_id res chain seq x y z
N ASP A 1 -43.20 6.78 15.60
CA ASP A 1 -43.28 5.58 14.79
C ASP A 1 -43.23 4.34 15.67
N ASN A 2 -43.59 3.19 15.10
CA ASN A 2 -43.56 1.93 15.84
C ASN A 2 -42.12 1.52 16.17
N GLN A 3 -41.18 1.95 15.34
CA GLN A 3 -39.77 1.59 15.51
C GLN A 3 -39.01 2.59 16.37
N PHE A 4 -39.57 3.79 16.50
CA PHE A 4 -38.88 4.89 17.17
C PHE A 4 -39.63 5.30 18.41
N TYR A 5 -38.90 5.95 19.32
CA TYR A 5 -39.54 6.58 20.46
C TYR A 5 -38.79 7.88 20.74
N SER A 6 -39.41 8.75 21.50
CA SER A 6 -38.82 10.06 21.73
C SER A 6 -38.39 10.20 23.16
N VAL A 7 -37.25 10.83 23.35
CA VAL A 7 -36.73 11.08 24.68
C VAL A 7 -36.26 12.53 24.73
N GLU A 8 -36.60 13.22 25.81
CA GLU A 8 -36.17 14.60 25.97
C GLU A 8 -34.76 14.66 26.55
N VAL A 9 -33.91 15.43 25.90
CA VAL A 9 -32.52 15.58 26.29
C VAL A 9 -32.26 17.07 26.42
N GLY A 10 -32.27 17.59 27.65
CA GLY A 10 -32.25 19.03 27.84
C GLY A 10 -33.30 19.69 26.95
N ASP A 11 -32.91 20.72 26.21
CA ASP A 11 -33.84 21.45 25.34
C ASP A 11 -34.02 20.86 23.96
N SER A 12 -33.47 19.68 23.72
CA SER A 12 -33.73 19.07 22.43
C SER A 12 -34.44 17.75 22.63
N THR A 13 -34.87 17.12 21.55
CA THR A 13 -35.45 15.79 21.69
C THR A 13 -34.79 14.82 20.74
N PHE A 14 -34.44 13.66 21.28
CA PHE A 14 -33.87 12.59 20.47
C PHE A 14 -34.98 11.62 20.14
N THR A 15 -35.23 11.43 18.85
CA THR A 15 -36.14 10.38 18.41
C THR A 15 -35.34 9.26 17.78
N VAL A 16 -35.21 8.15 18.51
CA VAL A 16 -34.27 7.11 18.12
C VAL A 16 -34.93 5.76 18.01
N LEU A 17 -34.21 4.81 17.42
CA LEU A 17 -34.67 3.44 17.34
C LEU A 17 -34.79 2.87 18.74
N LYS A 18 -35.79 2.01 18.95
CA LYS A 18 -36.07 1.48 20.28
C LYS A 18 -34.95 0.65 20.92
N ARG A 19 -34.07 0.07 20.11
CA ARG A 19 -32.92 -0.65 20.67
C ARG A 19 -31.99 0.26 21.51
N TYR A 20 -32.06 1.58 21.30
CA TYR A 20 -31.18 2.53 22.00
C TYR A 20 -31.88 3.08 23.24
N GLN A 21 -31.39 2.70 24.41
N GLN A 21 -31.41 2.69 24.42
CA GLN A 21 -32.10 2.99 25.66
CA GLN A 21 -32.11 2.99 25.66
C GLN A 21 -31.24 3.74 26.66
C GLN A 21 -31.24 3.74 26.66
N ASN A 22 -31.88 4.34 27.66
CA ASN A 22 -31.20 5.03 28.75
C ASN A 22 -30.32 6.17 28.28
N LEU A 23 -30.80 6.97 27.32
CA LEU A 23 -30.00 8.04 26.73
C LEU A 23 -29.69 9.09 27.77
N LYS A 24 -28.48 9.62 27.75
CA LYS A 24 -28.13 10.71 28.64
C LYS A 24 -27.10 11.58 27.95
N PRO A 25 -27.24 12.91 28.04
CA PRO A 25 -26.35 13.83 27.35
C PRO A 25 -24.90 13.69 27.83
N ILE A 26 -23.95 13.54 26.91
CA ILE A 26 -22.54 13.58 27.30
C ILE A 26 -21.77 14.70 26.63
N GLY A 27 -22.40 15.36 25.66
CA GLY A 27 -21.72 16.44 24.97
C GLY A 27 -22.68 17.24 24.12
N SER A 28 -22.34 18.51 23.92
CA SER A 28 -23.21 19.44 23.25
C SER A 28 -22.43 20.63 22.69
N GLY A 29 -22.88 21.13 21.55
CA GLY A 29 -22.31 22.28 20.89
C GLY A 29 -23.33 22.80 19.90
N ALA A 30 -23.04 23.93 19.28
CA ALA A 30 -23.95 24.50 18.30
C ALA A 30 -24.16 23.56 17.10
N GLN A 31 -23.22 22.64 16.87
CA GLN A 31 -23.26 21.76 15.70
C GLN A 31 -23.86 20.37 15.95
N GLY A 32 -24.17 20.05 17.20
CA GLY A 32 -24.73 18.75 17.50
C GLY A 32 -24.76 18.41 18.98
N ILE A 33 -25.50 17.36 19.29
CA ILE A 33 -25.59 16.88 20.64
C ILE A 33 -25.25 15.41 20.66
N VAL A 34 -24.48 14.98 21.65
CA VAL A 34 -24.14 13.57 21.76
C VAL A 34 -24.71 12.99 23.03
N CYS A 35 -25.42 11.86 22.92
CA CYS A 35 -25.85 11.10 24.09
C CYS A 35 -25.14 9.76 24.20
N ALA A 36 -24.84 9.35 25.43
CA ALA A 36 -24.54 7.94 25.69
C ALA A 36 -25.87 7.19 25.63
N ALA A 37 -25.85 5.96 25.14
CA ALA A 37 -27.03 5.10 25.14
C ALA A 37 -26.60 3.66 25.32
N TYR A 38 -27.53 2.84 25.76
CA TYR A 38 -27.33 1.41 25.82
C TYR A 38 -28.01 0.81 24.61
N ASP A 39 -27.26 0.01 23.83
CA ASP A 39 -27.81 -0.64 22.64
C ASP A 39 -28.25 -2.06 23.03
N ALA A 40 -29.56 -2.24 23.19
CA ALA A 40 -30.11 -3.50 23.69
C ALA A 40 -29.90 -4.64 22.70
N VAL A 41 -29.76 -4.31 21.43
CA VAL A 41 -29.50 -5.35 20.44
C VAL A 41 -28.08 -5.90 20.60
N LEU A 42 -27.12 -5.02 20.86
CA LEU A 42 -25.73 -5.44 20.95
C LEU A 42 -25.25 -5.75 22.35
N ASP A 43 -26.07 -5.42 23.35
CA ASP A 43 -25.65 -5.38 24.76
C ASP A 43 -24.35 -4.58 24.95
N ARG A 44 -24.26 -3.43 24.29
CA ARG A 44 -23.09 -2.57 24.42
C ARG A 44 -23.51 -1.12 24.51
N ASN A 45 -22.68 -0.32 25.16
CA ASN A 45 -22.92 1.12 25.16
C ASN A 45 -22.40 1.79 23.89
N VAL A 46 -23.05 2.88 23.54
CA VAL A 46 -22.95 3.47 22.23
C VAL A 46 -23.05 5.00 22.41
N ALA A 47 -22.45 5.76 21.50
CA ALA A 47 -22.59 7.21 21.47
C ALA A 47 -23.45 7.58 20.28
N ILE A 48 -24.50 8.36 20.55
CA ILE A 48 -25.41 8.80 19.51
C ILE A 48 -25.27 10.28 19.31
N LYS A 49 -24.90 10.68 18.09
CA LYS A 49 -24.71 12.09 17.78
C LYS A 49 -25.81 12.55 16.82
N LYS A 50 -26.61 13.50 17.28
CA LYS A 50 -27.63 14.13 16.45
C LYS A 50 -27.07 15.40 15.87
N LEU A 51 -26.95 15.47 14.55
CA LEU A 51 -26.45 16.68 13.90
C LEU A 51 -27.41 17.83 14.16
N SER A 52 -26.90 19.01 14.46
CA SER A 52 -27.77 20.16 14.65
C SER A 52 -27.92 20.96 13.36
N ARG A 53 -29.18 21.26 13.02
CA ARG A 53 -29.55 22.05 11.84
C ARG A 53 -28.72 21.73 10.60
N PRO A 54 -28.64 20.44 10.20
CA PRO A 54 -27.73 20.10 9.08
C PRO A 54 -28.11 20.78 7.78
N PHE A 55 -29.38 21.15 7.64
CA PHE A 55 -29.83 21.82 6.44
C PHE A 55 -30.10 23.33 6.65
N GLN A 56 -29.44 23.89 7.65
CA GLN A 56 -29.53 25.34 7.93
C GLN A 56 -29.08 26.15 6.73
N ASN A 57 -28.02 25.69 6.07
CA ASN A 57 -27.46 26.38 4.93
C ASN A 57 -26.59 25.40 4.16
N GLN A 58 -26.09 25.84 3.02
CA GLN A 58 -25.40 24.97 2.07
C GLN A 58 -24.17 24.36 2.73
N THR A 59 -23.51 25.16 3.55
CA THR A 59 -22.29 24.75 4.24
C THR A 59 -22.53 23.60 5.21
N HIS A 60 -23.47 23.77 6.13
CA HIS A 60 -23.82 22.69 7.06
C HIS A 60 -24.24 21.44 6.28
N ALA A 61 -24.99 21.63 5.19
CA ALA A 61 -25.49 20.46 4.46
C ALA A 61 -24.32 19.68 3.87
N LYS A 62 -23.41 20.38 3.21
CA LYS A 62 -22.23 19.75 2.62
C LYS A 62 -21.40 19.05 3.70
N ARG A 63 -21.31 19.69 4.86
CA ARG A 63 -20.56 19.14 5.98
C ARG A 63 -21.18 17.85 6.50
N ALA A 64 -22.51 17.82 6.58
CA ALA A 64 -23.22 16.62 7.01
C ALA A 64 -22.90 15.45 6.05
N TYR A 65 -23.02 15.69 4.74
CA TYR A 65 -22.74 14.62 3.75
C TYR A 65 -21.28 14.15 3.84
N ARG A 66 -20.38 15.12 3.95
CA ARG A 66 -18.97 14.84 4.06
C ARG A 66 -18.63 13.97 5.28
N GLU A 67 -19.25 14.24 6.43
CA GLU A 67 -19.00 13.43 7.62
C GLU A 67 -19.37 11.97 7.36
N LEU A 68 -20.54 11.78 6.73
CA LEU A 68 -21.01 10.47 6.36
C LEU A 68 -20.07 9.78 5.37
N VAL A 69 -19.61 10.50 4.35
CA VAL A 69 -18.70 9.90 3.38
C VAL A 69 -17.36 9.52 4.02
N LEU A 70 -16.85 10.38 4.90
CA LEU A 70 -15.58 10.07 5.57
C LEU A 70 -15.68 8.76 6.37
N MET A 71 -16.80 8.57 7.05
N MET A 71 -16.80 8.56 7.06
CA MET A 71 -17.00 7.39 7.90
CA MET A 71 -17.01 7.35 7.85
C MET A 71 -17.03 6.08 7.12
C MET A 71 -17.05 6.08 7.00
N LYS A 72 -17.44 6.13 5.86
N LYS A 72 -17.42 6.21 5.74
CA LYS A 72 -17.49 4.92 5.05
CA LYS A 72 -17.53 5.04 4.87
C LYS A 72 -16.13 4.61 4.40
C LYS A 72 -16.16 4.66 4.31
N CYS A 73 -15.19 5.55 4.49
CA CYS A 73 -13.85 5.33 3.95
C CYS A 73 -12.97 4.49 4.86
N VAL A 74 -13.40 4.30 6.09
CA VAL A 74 -12.53 3.67 7.07
C VAL A 74 -13.17 2.48 7.73
N ASN A 75 -12.33 1.52 8.09
CA ASN A 75 -12.76 0.34 8.80
C ASN A 75 -11.59 -0.24 9.56
N HIS A 76 -11.36 0.28 10.77
CA HIS A 76 -10.18 -0.13 11.53
C HIS A 76 -10.47 0.00 13.02
N LYS A 77 -9.99 -0.95 13.81
CA LYS A 77 -10.24 -0.92 15.25
C LYS A 77 -9.61 0.29 15.99
N ASN A 78 -8.66 0.97 15.37
CA ASN A 78 -8.08 2.20 16.02
C ASN A 78 -8.66 3.51 15.49
N ILE A 79 -9.81 3.40 14.84
CA ILE A 79 -10.53 4.55 14.30
C ILE A 79 -12.01 4.38 14.64
N ILE A 80 -12.61 5.41 15.22
CA ILE A 80 -14.04 5.37 15.54
C ILE A 80 -14.84 4.99 14.27
N SER A 81 -15.81 4.10 14.40
CA SER A 81 -16.60 3.74 13.23
C SER A 81 -18.04 4.09 13.45
N LEU A 82 -18.79 4.09 12.35
CA LEU A 82 -20.20 4.35 12.35
C LEU A 82 -20.93 3.04 12.50
N LEU A 83 -21.43 2.76 13.69
CA LEU A 83 -22.15 1.51 13.95
C LEU A 83 -23.49 1.53 13.24
N ASN A 84 -24.08 2.70 13.13
CA ASN A 84 -25.42 2.83 12.58
C ASN A 84 -25.67 4.29 12.25
N VAL A 85 -26.60 4.53 11.35
CA VAL A 85 -27.01 5.89 11.00
C VAL A 85 -28.49 5.79 10.69
N PHE A 86 -29.28 6.73 11.18
CA PHE A 86 -30.72 6.62 10.91
C PHE A 86 -31.37 7.99 10.92
N THR A 87 -32.60 8.03 10.44
CA THR A 87 -33.47 9.18 10.59
C THR A 87 -34.87 8.72 11.00
N PRO A 88 -35.53 9.49 11.87
CA PRO A 88 -36.87 9.03 12.25
C PRO A 88 -37.93 9.43 11.24
N GLN A 89 -37.61 10.36 10.33
CA GLN A 89 -38.57 10.76 9.29
C GLN A 89 -38.65 9.71 8.17
N LYS A 90 -39.84 9.56 7.58
CA LYS A 90 -40.16 8.42 6.73
C LYS A 90 -40.03 8.66 5.23
N THR A 91 -39.95 9.94 4.83
CA THR A 91 -39.77 10.32 3.44
C THR A 91 -38.74 11.45 3.28
N LEU A 92 -38.27 11.64 2.05
CA LEU A 92 -37.34 12.71 1.71
C LEU A 92 -37.93 14.09 2.03
N GLU A 93 -39.24 14.22 1.83
CA GLU A 93 -39.94 15.49 2.03
C GLU A 93 -39.99 15.92 3.50
N GLU A 94 -40.22 14.95 4.38
CA GLU A 94 -40.23 15.20 5.82
C GLU A 94 -38.83 15.20 6.42
N PHE A 95 -37.88 14.59 5.71
CA PHE A 95 -36.51 14.37 6.21
C PHE A 95 -35.88 15.63 6.82
N GLN A 96 -35.48 15.54 8.08
CA GLN A 96 -34.84 16.68 8.76
C GLN A 96 -33.66 16.29 9.63
N ASP A 97 -33.79 15.17 10.35
CA ASP A 97 -32.81 14.83 11.38
C ASP A 97 -31.91 13.68 10.99
N VAL A 98 -30.61 13.82 11.29
CA VAL A 98 -29.67 12.73 11.06
C VAL A 98 -28.99 12.34 12.37
N TYR A 99 -29.01 11.05 12.68
CA TYR A 99 -28.37 10.51 13.87
C TYR A 99 -27.25 9.58 13.50
N LEU A 100 -26.09 9.79 14.11
CA LEU A 100 -24.92 8.94 13.90
C LEU A 100 -24.66 8.16 15.18
N VAL A 101 -24.46 6.86 15.05
CA VAL A 101 -24.18 6.02 16.22
C VAL A 101 -22.76 5.48 16.15
N MET A 102 -21.98 5.73 17.17
CA MET A 102 -20.60 5.28 17.20
C MET A 102 -20.29 4.56 18.52
N GLU A 103 -19.10 3.98 18.60
CA GLU A 103 -18.67 3.31 19.83
C GLU A 103 -18.59 4.34 20.96
N LEU A 104 -18.99 3.94 22.16
CA LEU A 104 -18.83 4.80 23.33
C LEU A 104 -17.54 4.36 23.99
N MET A 105 -16.56 5.25 24.09
CA MET A 105 -15.32 4.91 24.76
C MET A 105 -15.38 5.47 26.18
N ASP A 106 -14.32 5.30 26.98
CA ASP A 106 -14.35 5.68 28.40
C ASP A 106 -13.74 7.05 28.74
N ALA A 107 -12.74 7.48 27.96
CA ALA A 107 -12.06 8.71 28.27
C ALA A 107 -11.31 9.16 27.03
N ASN A 108 -10.81 10.39 27.03
CA ASN A 108 -9.88 10.79 25.97
C ASN A 108 -8.48 10.88 26.56
N LEU A 109 -7.45 11.14 25.74
CA LEU A 109 -6.07 11.10 26.24
C LEU A 109 -5.77 12.16 27.30
N CYS A 110 -6.65 13.14 27.44
CA CYS A 110 -6.43 14.14 28.49
C CYS A 110 -6.31 13.43 29.84
N GLN A 111 -7.18 12.44 30.06
CA GLN A 111 -7.16 11.64 31.27
C GLN A 111 -5.89 10.81 31.43
N VAL A 112 -5.40 10.28 30.33
CA VAL A 112 -4.24 9.40 30.36
C VAL A 112 -2.99 10.21 30.67
N ILE A 113 -3.01 11.47 30.26
CA ILE A 113 -1.84 12.32 30.35
C ILE A 113 -1.35 12.48 31.79
N GLN A 114 -2.29 12.59 32.72
CA GLN A 114 -1.98 12.76 34.14
C GLN A 114 -1.55 11.45 34.82
N MET A 115 -1.87 10.32 34.21
CA MET A 115 -1.46 9.01 34.72
C MET A 115 0.04 8.78 34.51
N GLU A 116 0.65 7.98 35.38
CA GLU A 116 2.03 7.58 35.18
C GLU A 116 2.01 6.20 34.52
N LEU A 117 2.59 6.10 33.33
CA LEU A 117 2.47 4.88 32.54
C LEU A 117 3.77 4.11 32.44
N ASP A 118 3.68 2.79 32.51
CA ASP A 118 4.80 1.93 32.16
C ASP A 118 5.06 1.98 30.66
N HIS A 119 6.20 1.44 30.24
CA HIS A 119 6.57 1.42 28.85
C HIS A 119 5.62 0.58 27.99
N GLU A 120 5.10 -0.50 28.55
CA GLU A 120 4.19 -1.36 27.82
C GLU A 120 2.92 -0.62 27.37
N ARG A 121 2.29 0.07 28.32
CA ARG A 121 1.08 0.85 28.03
C ARG A 121 1.35 2.09 27.19
N MET A 122 2.46 2.78 27.47
CA MET A 122 2.86 3.92 26.65
C MET A 122 3.04 3.50 25.19
N SER A 123 3.93 2.53 24.95
CA SER A 123 4.24 2.14 23.59
C SER A 123 3.03 1.54 22.90
N TYR A 124 2.22 0.79 23.64
CA TYR A 124 1.05 0.15 23.05
C TYR A 124 -0.02 1.17 22.63
N LEU A 125 -0.25 2.18 23.46
CA LEU A 125 -1.15 3.26 23.08
C LEU A 125 -0.65 3.98 21.82
N LEU A 126 0.66 4.26 21.78
CA LEU A 126 1.28 4.92 20.63
C LEU A 126 1.17 4.06 19.37
N TYR A 127 1.42 2.76 19.52
CA TYR A 127 1.31 1.82 18.42
C TYR A 127 -0.09 1.84 17.81
N GLN A 128 -1.11 1.86 18.67
CA GLN A 128 -2.49 1.90 18.17
C GLN A 128 -2.79 3.21 17.45
N MET A 129 -2.26 4.31 17.97
CA MET A 129 -2.42 5.62 17.32
C MET A 129 -1.83 5.54 15.93
N LEU A 130 -0.63 4.98 15.84
CA LEU A 130 0.06 4.93 14.56
C LEU A 130 -0.68 4.04 13.58
N CYS A 131 -1.18 2.89 14.03
CA CYS A 131 -1.99 2.02 13.18
C CYS A 131 -3.21 2.77 12.65
N GLY A 132 -3.85 3.54 13.52
CA GLY A 132 -5.05 4.29 13.15
C GLY A 132 -4.69 5.33 12.12
N ILE A 133 -3.60 6.05 12.38
CA ILE A 133 -3.16 7.11 11.50
C ILE A 133 -2.76 6.58 10.13
N LYS A 134 -2.04 5.46 10.08
CA LYS A 134 -1.69 4.83 8.81
C LYS A 134 -2.94 4.49 7.99
N HIS A 135 -3.95 3.93 8.64
CA HIS A 135 -5.18 3.56 7.94
C HIS A 135 -5.84 4.81 7.33
N LEU A 136 -5.98 5.89 8.11
CA LEU A 136 -6.52 7.16 7.59
C LEU A 136 -5.75 7.59 6.36
N HIS A 137 -4.42 7.61 6.47
CA HIS A 137 -3.60 8.03 5.34
C HIS A 137 -3.84 7.16 4.10
N SER A 138 -3.93 5.85 4.29
CA SER A 138 -4.15 4.95 3.17
C SER A 138 -5.51 5.24 2.53
N ALA A 139 -6.45 5.73 3.35
CA ALA A 139 -7.74 6.17 2.86
C ALA A 139 -7.73 7.60 2.30
N GLY A 140 -6.55 8.21 2.14
CA GLY A 140 -6.48 9.55 1.59
C GLY A 140 -6.93 10.65 2.57
N ILE A 141 -6.89 10.30 3.85
CA ILE A 141 -7.31 11.23 4.89
C ILE A 141 -6.12 11.56 5.80
N ILE A 142 -5.68 12.81 5.76
CA ILE A 142 -4.61 13.31 6.63
C ILE A 142 -5.29 14.18 7.70
N HIS A 143 -5.05 13.85 8.96
CA HIS A 143 -5.88 14.39 10.03
C HIS A 143 -5.57 15.88 10.26
N ARG A 144 -4.29 16.18 10.51
CA ARG A 144 -3.78 17.54 10.76
C ARG A 144 -4.10 18.11 12.15
N ASP A 145 -5.25 17.72 12.71
CA ASP A 145 -5.73 18.29 13.98
C ASP A 145 -5.68 17.32 15.15
N LEU A 146 -4.81 16.31 15.08
N LEU A 146 -4.80 16.33 15.10
CA LEU A 146 -4.73 15.34 16.17
CA LEU A 146 -4.70 15.34 16.18
C LEU A 146 -4.37 16.03 17.48
C LEU A 146 -4.31 16.01 17.50
N LYS A 147 -4.97 15.60 18.58
CA LYS A 147 -4.67 16.17 19.90
C LYS A 147 -5.29 15.26 20.97
N PRO A 148 -4.95 15.47 22.26
CA PRO A 148 -5.41 14.49 23.25
C PRO A 148 -6.93 14.37 23.33
N SER A 149 -7.65 15.42 22.98
CA SER A 149 -9.10 15.39 23.17
C SER A 149 -9.85 14.65 22.07
N ASN A 150 -9.19 14.41 20.93
CA ASN A 150 -9.88 13.64 19.87
C ASN A 150 -9.29 12.24 19.66
N ILE A 151 -8.57 11.77 20.67
CA ILE A 151 -8.12 10.41 20.74
C ILE A 151 -8.74 9.80 21.99
N VAL A 152 -9.48 8.72 21.83
CA VAL A 152 -10.21 8.16 22.96
C VAL A 152 -9.77 6.75 23.30
N VAL A 153 -9.98 6.36 24.56
CA VAL A 153 -9.48 5.09 25.06
C VAL A 153 -10.51 4.35 25.94
N LYS A 154 -10.28 3.06 26.16
CA LYS A 154 -11.10 2.27 27.08
C LYS A 154 -10.23 1.65 28.15
N SER A 155 -10.88 1.12 29.18
CA SER A 155 -10.20 0.51 30.32
C SER A 155 -9.48 -0.79 29.98
N ASP A 156 -9.71 -1.33 28.79
CA ASP A 156 -8.97 -2.50 28.35
C ASP A 156 -7.73 -2.08 27.54
N CYS A 157 -7.42 -0.79 27.63
CA CYS A 157 -6.24 -0.20 26.98
C CYS A 157 -6.33 -0.16 25.46
N THR A 158 -7.56 -0.17 24.92
CA THR A 158 -7.75 0.01 23.48
C THR A 158 -7.94 1.49 23.16
N LEU A 159 -7.62 1.85 21.92
CA LEU A 159 -7.61 3.26 21.53
C LEU A 159 -8.21 3.45 20.16
N LYS A 160 -8.93 4.57 19.99
CA LYS A 160 -9.53 4.96 18.71
C LYS A 160 -9.39 6.47 18.50
N ILE A 161 -9.22 6.86 17.25
CA ILE A 161 -9.11 8.24 16.85
C ILE A 161 -10.46 8.72 16.38
N LEU A 162 -10.82 9.94 16.73
CA LEU A 162 -12.02 10.51 16.10
C LEU A 162 -11.80 11.84 15.38
N ASP A 163 -12.87 12.34 14.74
CA ASP A 163 -12.91 13.67 14.14
C ASP A 163 -11.98 13.90 12.95
N PHE A 164 -11.61 12.83 12.27
CA PHE A 164 -10.79 12.96 11.08
C PHE A 164 -11.56 13.67 9.98
N GLY A 165 -10.95 14.72 9.42
CA GLY A 165 -11.53 15.43 8.27
C GLY A 165 -12.59 16.46 8.60
N LEU A 166 -12.89 16.61 9.89
CA LEU A 166 -13.96 17.49 10.31
C LEU A 166 -13.38 18.84 10.73
N ALA A 167 -14.09 19.92 10.42
CA ALA A 167 -13.70 21.25 10.88
C ALA A 167 -13.66 21.23 12.41
N ARG A 168 -12.64 21.85 13.00
CA ARG A 168 -12.52 21.87 14.45
C ARG A 168 -13.66 22.68 15.11
N THR A 169 -14.89 22.18 14.94
CA THR A 169 -16.09 22.83 15.43
C THR A 169 -17.29 21.89 15.26
N ALA A 170 -17.29 21.14 14.16
CA ALA A 170 -18.31 20.14 13.89
C ALA A 170 -17.93 18.77 14.45
N GLY A 171 -16.79 18.70 15.15
CA GLY A 171 -16.30 17.45 15.65
C GLY A 171 -16.96 17.05 16.95
N THR A 172 -16.93 15.75 17.25
CA THR A 172 -17.42 15.24 18.52
C THR A 172 -16.61 15.86 19.67
N SER A 173 -15.29 15.92 19.48
CA SER A 173 -14.36 16.44 20.49
C SER A 173 -14.74 17.84 20.98
N PHE A 174 -15.14 18.71 20.06
CA PHE A 174 -15.54 20.06 20.44
C PHE A 174 -16.76 20.04 21.34
N MET A 175 -17.65 19.06 21.12
CA MET A 175 -18.91 18.99 21.84
C MET A 175 -18.74 18.51 23.28
N MET A 176 -17.66 17.77 23.53
CA MET A 176 -17.46 17.16 24.84
C MET A 176 -16.31 17.76 25.64
N THR A 177 -16.21 17.36 26.91
CA THR A 177 -15.12 17.78 27.78
C THR A 177 -14.42 16.55 28.39
N PRO A 178 -13.13 16.68 28.77
CA PRO A 178 -12.30 17.89 28.65
C PRO A 178 -11.95 18.19 27.19
N TYR A 179 -11.57 19.44 26.92
CA TYR A 179 -11.24 19.86 25.56
C TYR A 179 -9.98 20.70 25.57
N VAL A 180 -9.15 20.51 24.54
CA VAL A 180 -7.95 21.31 24.41
C VAL A 180 -7.91 21.92 23.02
N VAL A 181 -7.37 23.13 22.93
CA VAL A 181 -7.28 23.82 21.65
C VAL A 181 -6.28 23.10 20.76
N THR A 182 -6.49 23.19 19.46
CA THR A 182 -5.65 22.44 18.53
C THR A 182 -4.30 23.10 18.31
N ARG A 183 -4.21 24.41 18.56
CA ARG A 183 -3.01 25.20 18.29
C ARG A 183 -1.73 24.54 18.78
N TYR A 184 -1.78 23.99 20.00
CA TYR A 184 -0.58 23.42 20.66
C TYR A 184 0.01 22.24 19.90
N TYR A 185 -0.78 21.61 19.03
CA TYR A 185 -0.40 20.32 18.44
C TYR A 185 -0.07 20.40 16.95
N ARG A 186 -0.25 21.57 16.37
CA ARG A 186 -0.11 21.76 14.92
C ARG A 186 1.34 21.89 14.46
N ALA A 187 1.68 21.15 13.41
CA ALA A 187 3.05 21.12 12.89
C ALA A 187 3.52 22.50 12.41
N PRO A 188 4.84 22.75 12.46
CA PRO A 188 5.39 23.99 11.94
C PRO A 188 4.94 24.31 10.50
N GLU A 189 4.93 23.31 9.62
CA GLU A 189 4.53 23.56 8.23
C GLU A 189 3.09 24.05 8.16
N VAL A 190 2.27 23.65 9.14
CA VAL A 190 0.90 24.16 9.19
C VAL A 190 0.86 25.61 9.68
N ILE A 191 1.51 25.91 10.80
CA ILE A 191 1.32 27.23 11.35
C ILE A 191 2.07 28.29 10.53
N LEU A 192 3.11 27.88 9.82
CA LEU A 192 3.86 28.77 8.94
C LEU A 192 3.34 28.77 7.49
N GLY A 193 2.20 28.12 7.27
CA GLY A 193 1.56 28.10 5.96
C GLY A 193 2.40 27.58 4.81
N MET A 194 3.01 26.41 5.00
CA MET A 194 3.88 25.84 3.98
C MET A 194 3.22 24.72 3.19
N GLY A 195 2.01 24.34 3.57
CA GLY A 195 1.41 23.13 3.03
C GLY A 195 2.03 21.93 3.74
N TYR A 196 1.40 20.78 3.61
CA TYR A 196 1.85 19.65 4.43
C TYR A 196 1.57 18.33 3.75
N LYS A 197 2.13 17.28 4.31
CA LYS A 197 1.91 15.93 3.83
C LYS A 197 1.59 15.02 5.02
N GLU A 198 1.63 13.70 4.77
CA GLU A 198 1.29 12.69 5.77
C GLU A 198 1.95 12.87 7.13
N ASN A 199 3.26 13.11 7.15
CA ASN A 199 3.95 13.20 8.45
C ASN A 199 3.60 14.46 9.28
N VAL A 200 2.64 15.25 8.78
CA VAL A 200 2.09 16.33 9.60
C VAL A 200 1.51 15.71 10.88
N ASP A 201 0.96 14.50 10.74
CA ASP A 201 0.34 13.81 11.86
C ASP A 201 1.36 13.23 12.87
N ILE A 202 2.58 12.99 12.38
CA ILE A 202 3.66 12.52 13.23
C ILE A 202 4.09 13.61 14.22
N TRP A 203 4.10 14.86 13.78
CA TRP A 203 4.45 15.95 14.67
C TRP A 203 3.49 15.98 15.84
N SER A 204 2.19 15.85 15.52
CA SER A 204 1.15 15.87 16.54
C SER A 204 1.33 14.71 17.52
N VAL A 205 1.62 13.53 16.99
CA VAL A 205 1.86 12.36 17.83
C VAL A 205 3.04 12.63 18.78
N GLY A 206 4.08 13.27 18.26
CA GLY A 206 5.22 13.65 19.08
C GLY A 206 4.86 14.60 20.22
N CYS A 207 4.02 15.60 19.91
CA CYS A 207 3.55 16.53 20.92
C CYS A 207 2.74 15.82 22.01
N ILE A 208 1.94 14.84 21.60
CA ILE A 208 1.10 14.10 22.51
C ILE A 208 1.92 13.13 23.37
N MET A 209 2.84 12.40 22.74
CA MET A 209 3.75 11.56 23.49
C MET A 209 4.57 12.40 24.47
N GLY A 210 5.08 13.54 24.01
CA GLY A 210 5.86 14.43 24.85
C GLY A 210 5.06 14.85 26.07
N GLU A 211 3.77 15.12 25.86
CA GLU A 211 2.88 15.53 26.92
C GLU A 211 2.52 14.38 27.87
N MET A 212 2.40 13.17 27.33
CA MET A 212 2.19 11.99 28.19
C MET A 212 3.41 11.79 29.10
N VAL A 213 4.60 12.07 28.57
CA VAL A 213 5.82 11.88 29.35
C VAL A 213 5.99 12.99 30.39
N ARG A 214 5.85 14.25 29.98
CA ARG A 214 6.12 15.37 30.88
C ARG A 214 4.92 15.72 31.74
N HIS A 215 3.76 15.15 31.44
CA HIS A 215 2.51 15.47 32.12
C HIS A 215 2.15 16.96 32.02
N LYS A 216 2.71 17.62 31.01
CA LYS A 216 2.39 19.01 30.68
C LYS A 216 2.49 19.24 29.17
N ILE A 217 1.74 20.23 28.68
CA ILE A 217 1.70 20.57 27.25
C ILE A 217 3.08 20.98 26.80
N LEU A 218 3.54 20.41 25.70
CA LEU A 218 4.88 20.70 25.22
C LEU A 218 5.04 22.16 24.81
N PHE A 219 4.19 22.58 23.89
CA PHE A 219 4.29 23.92 23.31
C PHE A 219 3.02 24.72 23.55
N PRO A 220 2.85 25.22 24.79
CA PRO A 220 1.60 25.92 25.10
C PRO A 220 1.64 27.39 24.67
N GLY A 221 1.66 27.64 23.36
CA GLY A 221 1.69 29.00 22.88
C GLY A 221 0.34 29.70 23.06
N ARG A 222 0.39 30.96 23.47
CA ARG A 222 -0.81 31.80 23.65
C ARG A 222 -1.47 32.18 22.32
N ASP A 223 -0.65 32.21 21.26
CA ASP A 223 -1.11 32.45 19.90
C ASP A 223 -0.06 31.84 18.97
N TYR A 224 -0.20 32.05 17.66
CA TYR A 224 0.71 31.41 16.70
C TYR A 224 2.12 31.99 16.62
N ILE A 225 2.28 33.26 17.01
CA ILE A 225 3.61 33.83 17.18
C ILE A 225 4.29 33.17 18.36
N ASP A 226 3.58 33.13 19.48
CA ASP A 226 4.09 32.53 20.70
C ASP A 226 4.37 31.05 20.46
N GLN A 227 3.49 30.44 19.66
CA GLN A 227 3.59 29.03 19.36
C GLN A 227 4.93 28.74 18.70
N TRP A 228 5.26 29.53 17.69
CA TRP A 228 6.50 29.32 16.96
C TRP A 228 7.70 29.49 17.88
N ASN A 229 7.71 30.57 18.66
CA ASN A 229 8.79 30.81 19.63
C ASN A 229 9.00 29.63 20.56
N LYS A 230 7.92 29.09 21.13
CA LYS A 230 8.02 27.99 22.08
C LYS A 230 8.69 26.79 21.42
N VAL A 231 8.32 26.54 20.16
CA VAL A 231 8.93 25.45 19.40
C VAL A 231 10.43 25.68 19.19
N ILE A 232 10.80 26.87 18.72
CA ILE A 232 12.21 27.13 18.41
C ILE A 232 13.08 27.21 19.65
N GLU A 233 12.55 27.76 20.75
CA GLU A 233 13.26 27.86 22.01
C GLU A 233 13.64 26.48 22.53
N GLN A 234 12.74 25.52 22.34
CA GLN A 234 12.99 24.19 22.89
C GLN A 234 13.73 23.27 21.91
N LEU A 235 13.42 23.37 20.63
CA LEU A 235 13.96 22.44 19.64
C LEU A 235 15.12 23.04 18.87
N GLY A 236 15.21 24.36 18.86
CA GLY A 236 16.23 25.03 18.09
C GLY A 236 15.73 25.63 16.79
N THR A 237 16.45 26.65 16.35
CA THR A 237 16.20 27.32 15.07
C THR A 237 16.43 26.32 13.94
N PRO A 238 15.43 26.17 13.05
CA PRO A 238 15.55 25.21 11.95
C PRO A 238 16.66 25.61 10.97
N CYS A 239 17.10 24.67 10.15
N CYS A 239 17.12 24.66 10.16
CA CYS A 239 18.14 24.90 9.15
CA CYS A 239 18.17 24.92 9.18
C CYS A 239 17.74 25.97 8.14
C CYS A 239 17.75 25.95 8.14
N PRO A 240 18.72 26.60 7.48
CA PRO A 240 18.44 27.53 6.39
C PRO A 240 17.61 26.90 5.26
N GLU A 241 17.84 25.63 4.94
CA GLU A 241 17.14 25.03 3.81
C GLU A 241 15.66 24.86 4.13
N PHE A 242 15.33 24.80 5.42
CA PHE A 242 13.91 24.80 5.78
C PHE A 242 13.32 26.20 5.58
N MET A 243 14.04 27.21 6.07
CA MET A 243 13.53 28.57 6.00
C MET A 243 13.35 29.07 4.56
N LYS A 244 14.12 28.54 3.61
CA LYS A 244 14.01 28.98 2.22
C LYS A 244 12.69 28.54 1.59
N LYS A 245 12.04 27.55 2.18
CA LYS A 245 10.74 27.07 1.69
C LYS A 245 9.57 27.99 2.09
N LEU A 246 9.83 28.94 2.98
CA LEU A 246 8.80 29.84 3.49
C LEU A 246 8.41 30.96 2.51
N GLN A 247 7.15 31.40 2.57
CA GLN A 247 6.69 32.56 1.81
C GLN A 247 7.47 33.80 2.24
N PRO A 248 7.59 34.81 1.35
CA PRO A 248 8.56 35.91 1.51
C PRO A 248 8.56 36.64 2.86
N THR A 249 7.41 37.16 3.28
CA THR A 249 7.34 37.93 4.51
C THR A 249 7.51 37.05 5.76
N VAL A 250 6.91 35.87 5.76
CA VAL A 250 7.03 35.00 6.92
C VAL A 250 8.46 34.48 7.01
N ARG A 251 9.11 34.31 5.87
CA ARG A 251 10.48 33.81 5.84
C ARG A 251 11.39 34.83 6.53
N ASN A 252 11.14 36.10 6.27
CA ASN A 252 11.95 37.14 6.86
CA ASN A 252 11.92 37.16 6.85
C ASN A 252 11.68 37.26 8.35
N TYR A 253 10.43 37.09 8.74
CA TYR A 253 10.07 37.09 10.15
C TYR A 253 10.80 35.96 10.88
N VAL A 254 10.79 34.79 10.27
CA VAL A 254 11.38 33.60 10.88
C VAL A 254 12.90 33.73 10.89
N GLU A 255 13.46 34.26 9.81
CA GLU A 255 14.90 34.45 9.74
C GLU A 255 15.39 35.52 10.71
N ASN A 256 14.54 36.50 11.02
CA ASN A 256 14.94 37.58 11.91
C ASN A 256 14.76 37.28 13.39
N ARG A 257 14.18 36.12 13.73
CA ARG A 257 14.10 35.71 15.12
C ARG A 257 15.51 35.48 15.66
N PRO A 258 15.73 35.75 16.95
CA PRO A 258 17.00 35.39 17.56
C PRO A 258 17.27 33.89 17.37
N LYS A 259 18.52 33.51 17.14
CA LYS A 259 18.87 32.12 16.87
CA LYS A 259 18.85 32.11 16.88
C LYS A 259 18.95 31.32 18.18
N TYR A 260 18.16 30.25 18.29
CA TYR A 260 18.16 29.42 19.50
C TYR A 260 18.83 28.08 19.26
N ALA A 261 19.67 27.68 20.21
CA ALA A 261 20.34 26.39 20.16
C ALA A 261 19.34 25.26 20.32
N GLY A 262 18.46 25.40 21.30
CA GLY A 262 17.51 24.35 21.59
C GLY A 262 18.08 23.30 22.52
N LEU A 263 17.20 22.73 23.34
CA LEU A 263 17.59 21.76 24.34
C LEU A 263 17.75 20.38 23.73
N THR A 264 18.74 19.63 24.21
CA THR A 264 18.88 18.24 23.78
C THR A 264 17.66 17.42 24.23
N PHE A 265 17.45 16.26 23.62
CA PHE A 265 16.33 15.43 24.08
C PHE A 265 16.49 14.82 25.48
N PRO A 266 17.73 14.44 25.89
CA PRO A 266 17.88 14.09 27.31
C PRO A 266 17.50 15.25 28.23
N LYS A 267 17.74 16.49 27.81
CA LYS A 267 17.34 17.65 28.61
C LYS A 267 15.82 17.84 28.62
N LEU A 268 15.19 17.68 27.47
CA LEU A 268 13.73 17.84 27.37
C LEU A 268 12.98 16.73 28.10
N PHE A 269 13.49 15.51 28.00
CA PHE A 269 12.84 14.36 28.63
C PHE A 269 13.80 13.55 29.52
N PRO A 270 14.14 14.09 30.70
CA PRO A 270 15.09 13.45 31.62
C PRO A 270 14.62 12.07 32.12
N ASP A 271 15.57 11.27 32.62
CA ASP A 271 15.27 9.93 33.14
C ASP A 271 14.21 10.00 34.23
N SER A 272 14.28 11.07 35.03
CA SER A 272 13.29 11.42 36.05
C SER A 272 11.83 11.15 35.64
N LEU A 273 11.50 11.31 34.36
CA LEU A 273 10.13 11.17 33.88
C LEU A 273 9.83 9.77 33.37
N PHE A 274 10.85 8.93 33.30
CA PHE A 274 10.70 7.58 32.79
C PHE A 274 10.92 6.54 33.90
N PRO A 275 10.31 5.36 33.75
CA PRO A 275 10.56 4.26 34.69
C PRO A 275 12.02 3.83 34.67
N ASN A 281 14.39 -1.64 31.10
CA ASN A 281 13.83 -0.36 31.51
C ASN A 281 14.70 0.82 31.10
N LYS A 282 16.01 0.61 31.15
CA LYS A 282 16.96 1.64 30.74
C LYS A 282 17.02 1.73 29.22
N LEU A 283 16.84 0.59 28.55
CA LEU A 283 16.83 0.55 27.10
C LEU A 283 15.55 1.19 26.57
N LYS A 284 14.46 0.98 27.30
CA LYS A 284 13.15 1.48 26.87
C LYS A 284 13.06 3.00 26.94
N ALA A 285 13.61 3.60 28.00
CA ALA A 285 13.60 5.06 28.10
C ALA A 285 14.47 5.70 27.02
N SER A 286 15.62 5.08 26.73
CA SER A 286 16.45 5.52 25.62
C SER A 286 15.68 5.42 24.30
N GLN A 287 14.98 4.32 24.11
CA GLN A 287 14.22 4.08 22.90
C GLN A 287 13.11 5.11 22.72
N ALA A 288 12.41 5.42 23.81
CA ALA A 288 11.30 6.36 23.76
C ALA A 288 11.83 7.74 23.45
N ARG A 289 12.92 8.11 24.11
CA ARG A 289 13.53 9.41 23.87
C ARG A 289 13.99 9.52 22.43
N ASP A 290 14.54 8.43 21.88
CA ASP A 290 14.96 8.44 20.49
C ASP A 290 13.77 8.64 19.54
N LEU A 291 12.67 7.93 19.79
CA LEU A 291 11.48 8.09 18.95
C LEU A 291 11.01 9.54 19.00
N LEU A 292 10.99 10.11 20.21
CA LEU A 292 10.58 11.50 20.39
C LEU A 292 11.43 12.47 19.57
N SER A 293 12.72 12.18 19.49
CA SER A 293 13.66 13.07 18.81
C SER A 293 13.51 12.94 17.31
N LYS A 294 12.78 11.94 16.87
CA LYS A 294 12.57 11.73 15.45
C LYS A 294 11.20 12.22 15.00
N MET A 295 10.24 12.29 15.91
CA MET A 295 8.92 12.84 15.60
C MET A 295 8.90 14.36 15.78
N LEU A 296 9.48 14.86 16.87
CA LEU A 296 9.55 16.30 17.13
C LEU A 296 10.70 16.92 16.36
N VAL A 297 10.50 16.99 15.05
CA VAL A 297 11.49 17.51 14.13
C VAL A 297 10.80 18.56 13.28
N ILE A 298 11.27 19.79 13.39
CA ILE A 298 10.62 20.94 12.74
C ILE A 298 10.42 20.77 11.24
N ASP A 299 11.47 20.36 10.53
CA ASP A 299 11.43 20.23 9.08
C ASP A 299 10.74 18.92 8.70
N PRO A 300 9.57 18.97 8.00
CA PRO A 300 8.92 17.70 7.64
C PRO A 300 9.81 16.79 6.81
N ALA A 301 10.68 17.36 5.98
CA ALA A 301 11.63 16.58 5.18
C ALA A 301 12.59 15.72 6.01
N LYS A 302 12.83 16.12 7.26
CA LYS A 302 13.68 15.32 8.16
C LYS A 302 12.89 14.57 9.24
N ARG A 303 11.57 14.70 9.24
CA ARG A 303 10.76 14.05 10.27
C ARG A 303 10.47 12.59 9.90
N ILE A 304 10.44 11.73 10.92
CA ILE A 304 10.14 10.32 10.71
C ILE A 304 8.73 10.14 10.16
N SER A 305 8.55 9.17 9.26
CA SER A 305 7.25 8.87 8.68
C SER A 305 6.48 7.91 9.56
N VAL A 306 5.23 7.67 9.20
CA VAL A 306 4.41 6.74 9.95
C VAL A 306 4.97 5.31 9.86
N ASP A 307 5.41 4.90 8.67
CA ASP A 307 5.95 3.54 8.53
C ASP A 307 7.20 3.33 9.37
N ASP A 308 8.10 4.30 9.38
CA ASP A 308 9.32 4.16 10.16
C ASP A 308 9.04 4.23 11.66
N ALA A 309 8.00 4.95 12.05
CA ALA A 309 7.61 5.03 13.46
C ALA A 309 7.11 3.66 13.92
N LEU A 310 6.30 3.04 13.09
CA LEU A 310 5.81 1.70 13.36
C LEU A 310 6.95 0.69 13.44
N GLN A 311 8.01 0.94 12.67
CA GLN A 311 9.16 0.04 12.68
C GLN A 311 10.14 0.35 13.80
N HIS A 312 9.97 1.49 14.46
CA HIS A 312 10.91 1.91 15.51
C HIS A 312 10.91 0.92 16.68
N PRO A 313 12.09 0.66 17.27
CA PRO A 313 12.23 -0.29 18.39
C PRO A 313 11.24 -0.08 19.53
N TYR A 314 10.86 1.17 19.82
CA TYR A 314 9.96 1.40 20.94
C TYR A 314 8.53 0.92 20.62
N ILE A 315 8.21 0.82 19.34
CA ILE A 315 6.84 0.57 18.90
C ILE A 315 6.72 -0.83 18.32
N ASN A 316 7.79 -1.26 17.66
CA ASN A 316 7.80 -2.43 16.81
C ASN A 316 7.48 -3.74 17.55
N VAL A 317 7.65 -3.74 18.86
CA VAL A 317 7.39 -4.94 19.66
C VAL A 317 5.95 -5.45 19.50
N TRP A 318 5.03 -4.56 19.11
CA TRP A 318 3.62 -4.92 19.00
C TRP A 318 3.21 -5.27 17.59
N TYR A 319 4.14 -5.13 16.65
CA TYR A 319 3.81 -5.21 15.22
C TYR A 319 3.02 -6.45 14.82
N ASP A 320 1.88 -6.21 14.21
CA ASP A 320 1.05 -7.27 13.63
C ASP A 320 0.63 -6.77 12.25
N PRO A 321 1.12 -7.42 11.19
CA PRO A 321 0.85 -6.96 9.83
C PRO A 321 -0.65 -6.83 9.53
N ALA A 322 -1.50 -7.64 10.19
CA ALA A 322 -2.94 -7.53 9.98
C ALA A 322 -3.48 -6.19 10.44
N GLU A 323 -2.87 -5.61 11.47
CA GLU A 323 -3.33 -4.32 12.01
C GLU A 323 -2.74 -3.14 11.25
N VAL A 324 -1.57 -3.37 10.65
CA VAL A 324 -0.82 -2.29 10.01
C VAL A 324 -1.17 -2.19 8.53
N GLU A 325 -1.38 -3.33 7.90
CA GLU A 325 -1.61 -3.40 6.46
C GLU A 325 -3.10 -3.52 6.10
N ALA A 326 -3.96 -3.50 7.11
CA ALA A 326 -5.40 -3.52 6.90
C ALA A 326 -5.82 -2.36 5.97
N PRO A 327 -6.32 -2.68 4.77
CA PRO A 327 -6.63 -1.66 3.77
C PRO A 327 -8.00 -1.03 4.02
N PRO A 328 -8.17 0.23 3.60
CA PRO A 328 -9.44 0.91 3.87
C PRO A 328 -10.48 0.49 2.84
N PRO A 329 -11.77 0.53 3.20
CA PRO A 329 -12.86 0.14 2.29
C PRO A 329 -12.93 1.02 1.04
N GLN A 330 -12.73 2.32 1.21
CA GLN A 330 -12.71 3.26 0.10
C GLN A 330 -11.59 4.26 0.31
N ILE A 331 -11.21 4.95 -0.76
CA ILE A 331 -10.27 6.04 -0.65
C ILE A 331 -11.03 7.35 -0.84
N TYR A 332 -10.86 8.27 0.10
CA TYR A 332 -11.58 9.54 0.03
C TYR A 332 -11.29 10.34 -1.24
N ASP A 333 -12.35 10.74 -1.94
CA ASP A 333 -12.22 11.51 -3.17
C ASP A 333 -12.27 13.00 -2.85
N LYS A 334 -11.15 13.69 -3.00
CA LYS A 334 -11.08 15.10 -2.65
C LYS A 334 -11.84 16.02 -3.61
N GLN A 335 -12.26 15.50 -4.77
CA GLN A 335 -13.15 16.26 -5.64
C GLN A 335 -14.45 16.61 -4.91
N LEU A 336 -14.75 15.86 -3.85
CA LEU A 336 -15.89 16.15 -2.99
C LEU A 336 -15.72 17.49 -2.27
N ASP A 337 -14.48 17.81 -1.89
CA ASP A 337 -14.21 19.07 -1.21
C ASP A 337 -14.60 20.30 -2.06
N GLU A 338 -14.52 20.15 -3.37
CA GLU A 338 -14.79 21.26 -4.28
C GLU A 338 -16.11 21.10 -5.03
N ARG A 339 -17.04 20.33 -4.46
CA ARG A 339 -18.33 20.09 -5.10
C ARG A 339 -19.41 21.04 -4.58
N GLU A 340 -20.25 21.52 -5.50
CA GLU A 340 -21.36 22.41 -5.17
C GLU A 340 -22.71 21.73 -5.39
N HIS A 341 -23.60 21.89 -4.42
CA HIS A 341 -25.00 21.50 -4.57
C HIS A 341 -25.89 22.48 -3.80
N THR A 342 -27.16 22.55 -4.19
CA THR A 342 -28.14 23.29 -3.42
C THR A 342 -28.41 22.49 -2.15
N ILE A 343 -29.01 23.11 -1.16
CA ILE A 343 -29.32 22.40 0.09
C ILE A 343 -30.20 21.17 -0.16
N GLU A 344 -31.21 21.36 -1.00
CA GLU A 344 -32.12 20.30 -1.33
C GLU A 344 -31.43 19.11 -2.02
N GLU A 345 -30.44 19.42 -2.87
CA GLU A 345 -29.64 18.37 -3.50
C GLU A 345 -28.74 17.67 -2.48
N TRP A 346 -28.10 18.43 -1.59
CA TRP A 346 -27.30 17.79 -0.55
C TRP A 346 -28.18 16.88 0.30
N LYS A 347 -29.41 17.33 0.53
CA LYS A 347 -30.33 16.61 1.39
C LYS A 347 -30.70 15.25 0.79
N GLU A 348 -30.94 15.21 -0.52
CA GLU A 348 -31.26 13.95 -1.16
C GLU A 348 -30.08 12.99 -1.15
N LEU A 349 -28.88 13.54 -1.37
CA LEU A 349 -27.64 12.74 -1.29
C LEU A 349 -27.45 12.14 0.10
N ILE A 350 -27.67 12.96 1.13
CA ILE A 350 -27.55 12.49 2.48
C ILE A 350 -28.61 11.45 2.77
N TYR A 351 -29.85 11.72 2.33
CA TYR A 351 -30.96 10.82 2.57
C TYR A 351 -30.66 9.44 2.02
N LYS A 352 -30.10 9.39 0.82
CA LYS A 352 -29.81 8.10 0.21
C LYS A 352 -28.77 7.36 1.02
N GLU A 353 -27.78 8.08 1.54
CA GLU A 353 -26.71 7.44 2.30
C GLU A 353 -27.25 6.90 3.60
N VAL A 354 -28.19 7.63 4.19
CA VAL A 354 -28.81 7.22 5.44
C VAL A 354 -29.68 5.97 5.28
N MET A 355 -30.48 5.94 4.21
CA MET A 355 -31.34 4.78 3.91
C MET A 355 -30.59 3.61 3.28
N ASN A 356 -29.35 3.84 2.87
CA ASN A 356 -28.53 2.77 2.31
C ASN A 356 -28.25 1.67 3.33
N VAL B 1 4.98 -11.02 23.07
CA VAL B 1 4.70 -10.51 24.40
C VAL B 1 3.19 -10.33 24.56
N VAL B 2 2.74 -10.23 25.81
CA VAL B 2 1.33 -9.97 26.06
C VAL B 2 1.05 -8.46 25.99
N ARG B 3 -0.03 -8.10 25.32
CA ARG B 3 -0.45 -6.72 25.25
C ARG B 3 -1.17 -6.38 26.54
N PRO B 4 -0.94 -5.16 27.05
CA PRO B 4 -1.64 -4.75 28.26
C PRO B 4 -3.13 -4.85 27.99
N GLY B 5 -3.88 -5.34 28.97
CA GLY B 5 -5.29 -5.59 28.78
C GLY B 5 -6.09 -4.73 29.73
N SER B 6 -5.40 -3.81 30.40
CA SER B 6 -6.08 -2.89 31.31
C SER B 6 -5.46 -1.50 31.33
N LEU B 7 -6.26 -0.50 31.66
CA LEU B 7 -5.81 0.88 31.74
C LEU B 7 -6.55 1.57 32.87
N ASP B 8 -5.78 2.01 33.85
CA ASP B 8 -6.33 2.45 35.13
C ASP B 8 -6.92 3.86 35.04
N LEU B 9 -8.04 3.98 34.34
CA LEU B 9 -8.68 5.28 34.15
C LEU B 9 -9.50 5.68 35.35
N PRO B 10 -9.51 6.99 35.67
CA PRO B 10 -10.41 7.55 36.69
C PRO B 10 -11.81 7.76 36.13
N ASP C 1 22.69 12.27 4.61
CA ASP C 1 24.09 12.34 4.21
C ASP C 1 24.29 13.38 3.13
N ASN C 2 25.54 13.62 2.77
CA ASN C 2 25.86 14.58 1.71
C ASN C 2 25.47 14.02 0.34
N GLN C 3 25.56 12.70 0.20
CA GLN C 3 25.22 12.03 -1.06
C GLN C 3 23.72 11.73 -1.19
N PHE C 4 23.03 11.70 -0.07
CA PHE C 4 21.62 11.30 -0.05
C PHE C 4 20.73 12.43 0.35
N TYR C 5 19.46 12.32 -0.01
CA TYR C 5 18.44 13.22 0.46
C TYR C 5 17.17 12.40 0.68
N SER C 6 16.26 12.93 1.50
CA SER C 6 15.09 12.17 1.87
C SER C 6 13.88 12.78 1.21
N VAL C 7 12.96 11.93 0.76
CA VAL C 7 11.73 12.39 0.16
C VAL C 7 10.57 11.58 0.75
N GLU C 8 9.48 12.27 1.09
CA GLU C 8 8.31 11.57 1.60
C GLU C 8 7.48 10.98 0.45
N VAL C 9 7.16 9.70 0.59
CA VAL C 9 6.41 8.95 -0.41
C VAL C 9 5.27 8.30 0.37
N GLY C 10 4.08 8.89 0.35
CA GLY C 10 3.03 8.43 1.21
C GLY C 10 3.53 8.31 2.64
N ASP C 11 3.26 7.17 3.28
CA ASP C 11 3.64 6.96 4.68
C ASP C 11 5.05 6.41 4.87
N SER C 12 5.83 6.36 3.80
CA SER C 12 7.20 5.91 3.97
C SER C 12 8.13 7.03 3.54
N THR C 13 9.43 6.84 3.74
CA THR C 13 10.38 7.83 3.24
C THR C 13 11.46 7.14 2.46
N PHE C 14 11.74 7.71 1.28
CA PHE C 14 12.78 7.17 0.44
C PHE C 14 14.00 8.03 0.67
N THR C 15 15.07 7.43 1.16
CA THR C 15 16.32 8.14 1.25
C THR C 15 17.24 7.65 0.16
N VAL C 16 17.43 8.47 -0.88
CA VAL C 16 18.10 8.02 -2.09
C VAL C 16 19.27 8.92 -2.50
N LEU C 17 20.12 8.40 -3.37
CA LEU C 17 21.21 9.17 -3.96
C LEU C 17 20.66 10.40 -4.67
N LYS C 18 21.39 11.51 -4.61
CA LYS C 18 20.91 12.77 -5.19
C LYS C 18 20.68 12.76 -6.70
N ARG C 19 21.32 11.87 -7.45
CA ARG C 19 21.03 11.73 -8.88
C ARG C 19 19.56 11.36 -9.18
N TYR C 20 18.85 10.79 -8.20
CA TYR C 20 17.48 10.30 -8.43
C TYR C 20 16.49 11.36 -7.97
N GLN C 21 15.79 11.97 -8.92
CA GLN C 21 14.94 13.13 -8.65
CA GLN C 21 14.93 13.13 -8.66
C GLN C 21 13.50 12.89 -9.08
N ASN C 22 12.59 13.71 -8.54
CA ASN C 22 11.18 13.69 -8.93
C ASN C 22 10.51 12.36 -8.67
N LEU C 23 10.80 11.74 -7.52
CA LEU C 23 10.27 10.43 -7.19
C LEU C 23 8.76 10.49 -7.02
N LYS C 24 8.04 9.55 -7.63
CA LYS C 24 6.60 9.44 -7.43
C LYS C 24 6.27 7.96 -7.27
N PRO C 25 5.41 7.62 -6.31
CA PRO C 25 4.99 6.23 -6.12
C PRO C 25 4.29 5.66 -7.36
N ILE C 26 4.66 4.46 -7.80
CA ILE C 26 3.95 3.82 -8.89
C ILE C 26 3.46 2.42 -8.51
N GLY C 27 3.80 1.99 -7.31
CA GLY C 27 3.38 0.67 -6.86
C GLY C 27 3.77 0.45 -5.41
N SER C 28 3.04 -0.43 -4.75
CA SER C 28 3.16 -0.64 -3.32
C SER C 28 2.52 -1.96 -2.92
N GLY C 29 3.09 -2.58 -1.89
CA GLY C 29 2.59 -3.81 -1.30
C GLY C 29 3.34 -4.05 0.00
N ALA C 30 2.87 -5.01 0.80
CA ALA C 30 3.53 -5.31 2.08
C ALA C 30 5.04 -5.60 1.94
N GLN C 31 5.47 -6.02 0.75
CA GLN C 31 6.89 -6.41 0.52
C GLN C 31 7.81 -5.28 0.04
N GLY C 32 7.23 -4.17 -0.41
CA GLY C 32 8.04 -3.10 -0.95
C GLY C 32 7.26 -1.97 -1.58
N ILE C 33 7.97 -0.88 -1.83
CA ILE C 33 7.37 0.25 -2.50
C ILE C 33 8.21 0.60 -3.70
N VAL C 34 7.56 0.88 -4.82
CA VAL C 34 8.28 1.26 -6.02
C VAL C 34 7.98 2.70 -6.41
N CYS C 35 9.04 3.49 -6.64
CA CYS C 35 8.88 4.84 -7.20
C CYS C 35 9.44 4.97 -8.60
N ALA C 36 8.79 5.77 -9.44
CA ALA C 36 9.42 6.26 -10.67
C ALA C 36 10.35 7.37 -10.23
N ALA C 37 11.51 7.50 -10.88
CA ALA C 37 12.41 8.61 -10.59
C ALA C 37 13.09 9.02 -11.86
N TYR C 38 13.60 10.25 -11.89
CA TYR C 38 14.44 10.69 -12.98
C TYR C 38 15.89 10.56 -12.53
N ASP C 39 16.70 9.88 -13.33
CA ASP C 39 18.12 9.73 -13.01
C ASP C 39 18.91 10.82 -13.76
N ALA C 40 19.30 11.87 -13.05
CA ALA C 40 20.00 13.01 -13.65
C ALA C 40 21.34 12.61 -14.25
N VAL C 41 22.00 11.61 -13.69
CA VAL C 41 23.28 11.17 -14.23
C VAL C 41 23.11 10.55 -15.61
N LEU C 42 22.05 9.77 -15.79
CA LEU C 42 21.84 9.05 -17.04
C LEU C 42 20.93 9.77 -18.02
N ASP C 43 20.31 10.86 -17.56
CA ASP C 43 19.18 11.48 -18.26
C ASP C 43 18.13 10.44 -18.69
N ARG C 44 17.78 9.52 -17.79
CA ARG C 44 16.76 8.53 -18.09
C ARG C 44 15.87 8.32 -16.87
N ASN C 45 14.64 7.90 -17.13
CA ASN C 45 13.76 7.48 -16.05
C ASN C 45 14.06 6.06 -15.55
N VAL C 46 13.78 5.85 -14.29
CA VAL C 46 14.25 4.68 -13.57
C VAL C 46 13.17 4.27 -12.56
N ALA C 47 13.11 2.98 -12.21
CA ALA C 47 12.22 2.55 -11.13
C ALA C 47 13.06 2.21 -9.92
N ILE C 48 12.65 2.73 -8.77
CA ILE C 48 13.38 2.47 -7.54
C ILE C 48 12.50 1.71 -6.58
N LYS C 49 12.98 0.52 -6.21
CA LYS C 49 12.22 -0.37 -5.33
C LYS C 49 12.92 -0.44 -4.00
N LYS C 50 12.22 -0.01 -2.96
CA LYS C 50 12.71 -0.09 -1.59
C LYS C 50 12.09 -1.30 -0.94
N LEU C 51 12.92 -2.26 -0.55
CA LEU C 51 12.41 -3.46 0.11
C LEU C 51 11.75 -3.10 1.44
N SER C 52 10.63 -3.73 1.74
CA SER C 52 9.99 -3.48 3.02
C SER C 52 10.42 -4.52 4.04
N ARG C 53 10.85 -4.04 5.21
CA ARG C 53 11.26 -4.89 6.34
C ARG C 53 12.07 -6.13 5.93
N PRO C 54 13.18 -5.94 5.18
CA PRO C 54 13.91 -7.12 4.70
C PRO C 54 14.51 -7.95 5.83
N PHE C 55 14.66 -7.37 7.00
CA PHE C 55 15.19 -8.12 8.14
C PHE C 55 14.16 -8.40 9.22
N GLN C 56 12.89 -8.38 8.85
CA GLN C 56 11.78 -8.69 9.76
C GLN C 56 11.95 -10.09 10.35
N ASN C 57 12.37 -11.01 9.50
CA ASN C 57 12.56 -12.39 9.89
C ASN C 57 13.47 -13.08 8.89
N GLN C 58 13.84 -14.31 9.21
CA GLN C 58 14.83 -15.06 8.44
C GLN C 58 14.40 -15.22 7.00
N THR C 59 13.09 -15.40 6.82
CA THR C 59 12.51 -15.59 5.50
C THR C 59 12.64 -14.36 4.60
N HIS C 60 12.20 -13.20 5.10
CA HIS C 60 12.37 -11.95 4.36
C HIS C 60 13.86 -11.74 4.05
N ALA C 61 14.73 -12.04 5.02
CA ALA C 61 16.15 -11.74 4.83
C ALA C 61 16.74 -12.58 3.70
N LYS C 62 16.48 -13.88 3.75
CA LYS C 62 16.91 -14.80 2.71
C LYS C 62 16.40 -14.37 1.34
N ARG C 63 15.13 -13.96 1.29
CA ARG C 63 14.49 -13.53 0.05
C ARG C 63 15.15 -12.27 -0.51
N ALA C 64 15.52 -11.35 0.37
CA ALA C 64 16.19 -10.14 -0.07
C ALA C 64 17.52 -10.50 -0.75
N TYR C 65 18.30 -11.37 -0.11
CA TYR C 65 19.61 -11.76 -0.65
C TYR C 65 19.46 -12.49 -1.99
N ARG C 66 18.51 -13.43 -2.02
CA ARG C 66 18.22 -14.17 -3.23
C ARG C 66 17.81 -13.24 -4.39
N GLU C 67 17.05 -12.18 -4.11
CA GLU C 67 16.66 -11.25 -5.16
C GLU C 67 17.88 -10.59 -5.79
N LEU C 68 18.82 -10.18 -4.93
CA LEU C 68 20.06 -9.57 -5.37
C LEU C 68 20.93 -10.56 -6.15
N VAL C 69 21.06 -11.79 -5.66
CA VAL C 69 21.84 -12.80 -6.36
C VAL C 69 21.23 -13.14 -7.73
N LEU C 70 19.91 -13.27 -7.78
CA LEU C 70 19.22 -13.53 -9.05
C LEU C 70 19.53 -12.45 -10.10
N MET C 71 19.52 -11.20 -9.68
CA MET C 71 19.78 -10.06 -10.57
CA MET C 71 19.74 -10.11 -10.63
C MET C 71 21.19 -10.05 -11.12
N LYS C 72 22.13 -10.66 -10.40
CA LYS C 72 23.51 -10.66 -10.88
CA LYS C 72 23.52 -10.68 -10.85
C LYS C 72 23.76 -11.82 -11.86
N CYS C 73 22.80 -12.72 -11.96
CA CYS C 73 22.90 -13.86 -12.88
C CYS C 73 22.54 -13.52 -14.33
N VAL C 74 21.92 -12.37 -14.54
CA VAL C 74 21.42 -12.05 -15.86
C VAL C 74 21.99 -10.76 -16.40
N ASN C 75 22.16 -10.74 -17.72
CA ASN C 75 22.57 -9.55 -18.42
C ASN C 75 22.07 -9.59 -19.84
N HIS C 76 20.83 -9.18 -20.04
CA HIS C 76 20.22 -9.32 -21.36
C HIS C 76 19.16 -8.24 -21.50
N LYS C 77 19.07 -7.67 -22.70
CA LYS C 77 18.16 -6.56 -22.94
C LYS C 77 16.68 -6.92 -22.87
N ASN C 78 16.33 -8.21 -22.86
CA ASN C 78 14.92 -8.62 -22.72
C ASN C 78 14.59 -9.10 -21.31
N ILE C 79 15.44 -8.72 -20.37
CA ILE C 79 15.28 -9.04 -18.96
C ILE C 79 15.62 -7.79 -18.15
N ILE C 80 14.74 -7.42 -17.21
CA ILE C 80 14.97 -6.26 -16.37
C ILE C 80 16.35 -6.41 -15.68
N SER C 81 17.11 -5.32 -15.62
CA SER C 81 18.41 -5.44 -14.96
C SER C 81 18.48 -4.49 -13.77
N LEU C 82 19.47 -4.74 -12.92
CA LEU C 82 19.69 -3.91 -11.76
C LEU C 82 20.66 -2.80 -12.15
N LEU C 83 20.15 -1.59 -12.35
CA LEU C 83 21.00 -0.48 -12.76
C LEU C 83 21.91 -0.04 -11.64
N ASN C 84 21.45 -0.22 -10.41
CA ASN C 84 22.16 0.28 -9.22
C ASN C 84 21.49 -0.32 -8.00
N VAL C 85 22.23 -0.43 -6.91
CA VAL C 85 21.67 -0.87 -5.64
C VAL C 85 22.40 -0.05 -4.57
N PHE C 86 21.67 0.43 -3.57
CA PHE C 86 22.35 1.22 -2.54
C PHE C 86 21.64 1.10 -1.21
N THR C 87 22.32 1.56 -0.17
CA THR C 87 21.70 1.77 1.12
C THR C 87 22.12 3.15 1.62
N PRO C 88 21.22 3.86 2.32
CA PRO C 88 21.71 5.16 2.79
C PRO C 88 22.48 5.04 4.10
N GLN C 89 22.41 3.91 4.79
CA GLN C 89 23.14 3.75 6.04
C GLN C 89 24.64 3.50 5.80
N LYS C 90 25.48 3.97 6.73
CA LYS C 90 26.91 4.06 6.50
C LYS C 90 27.76 2.88 7.00
N THR C 91 27.20 2.09 7.92
CA THR C 91 27.87 0.88 8.44
C THR C 91 26.94 -0.33 8.52
N LEU C 92 27.54 -1.50 8.71
CA LEU C 92 26.80 -2.74 8.86
C LEU C 92 25.86 -2.67 10.06
N GLU C 93 26.28 -2.01 11.13
CA GLU C 93 25.51 -1.92 12.38
C GLU C 93 24.23 -1.11 12.22
N GLU C 94 24.32 0.00 11.49
CA GLU C 94 23.16 0.84 11.21
C GLU C 94 22.32 0.30 10.05
N PHE C 95 22.93 -0.53 9.19
CA PHE C 95 22.31 -1.02 7.95
C PHE C 95 20.87 -1.53 8.13
N GLN C 96 19.91 -0.95 7.40
CA GLN C 96 18.53 -1.38 7.48
CA GLN C 96 18.52 -1.36 7.50
C GLN C 96 17.80 -1.40 6.15
N ASP C 97 18.11 -0.44 5.28
CA ASP C 97 17.34 -0.25 4.05
C ASP C 97 18.09 -0.65 2.79
N VAL C 98 17.40 -1.35 1.89
CA VAL C 98 17.97 -1.72 0.61
C VAL C 98 17.12 -1.15 -0.50
N TYR C 99 17.75 -0.45 -1.44
CA TYR C 99 17.09 0.11 -2.60
C TYR C 99 17.61 -0.51 -3.88
N LEU C 100 16.70 -0.94 -4.73
CA LEU C 100 17.07 -1.53 -6.03
C LEU C 100 16.61 -0.56 -7.10
N VAL C 101 17.49 -0.29 -8.06
CA VAL C 101 17.15 0.59 -9.18
C VAL C 101 17.15 -0.21 -10.48
N MET C 102 16.05 -0.14 -11.19
CA MET C 102 15.87 -0.87 -12.43
C MET C 102 15.35 0.06 -13.52
N GLU C 103 15.29 -0.44 -14.76
CA GLU C 103 14.75 0.35 -15.86
C GLU C 103 13.28 0.64 -15.61
N LEU C 104 12.83 1.84 -15.98
CA LEU C 104 11.40 2.14 -15.91
C LEU C 104 10.85 1.92 -17.30
N MET C 105 9.86 1.04 -17.42
CA MET C 105 9.22 0.79 -18.71
C MET C 105 7.87 1.50 -18.74
N ASP C 106 7.15 1.41 -19.87
CA ASP C 106 5.92 2.19 -20.06
C ASP C 106 4.64 1.48 -19.66
N ALA C 107 4.60 0.16 -19.84
CA ALA C 107 3.36 -0.56 -19.58
C ALA C 107 3.70 -2.02 -19.38
N ASN C 108 2.74 -2.82 -18.92
CA ASN C 108 2.93 -4.26 -18.95
C ASN C 108 2.07 -4.82 -20.08
N LEU C 109 2.14 -6.13 -20.35
CA LEU C 109 1.43 -6.71 -21.48
C LEU C 109 -0.10 -6.65 -21.35
N CYS C 110 -0.59 -6.32 -20.15
CA CYS C 110 -2.04 -6.22 -19.99
C CYS C 110 -2.59 -5.19 -20.96
N GLN C 111 -1.86 -4.09 -21.17
CA GLN C 111 -2.36 -3.05 -22.07
C GLN C 111 -2.11 -3.34 -23.56
N VAL C 112 -1.15 -4.21 -23.85
CA VAL C 112 -0.90 -4.60 -25.24
C VAL C 112 -2.01 -5.53 -25.68
N ILE C 113 -2.53 -6.30 -24.74
CA ILE C 113 -3.50 -7.34 -25.03
C ILE C 113 -4.75 -6.74 -25.66
N GLN C 114 -5.09 -5.54 -25.23
N GLN C 114 -5.13 -5.54 -25.23
CA GLN C 114 -6.27 -4.82 -25.71
CA GLN C 114 -7.61 -4.80 -25.69
CA GLN C 114 -6.31 -4.87 -25.77
C GLN C 114 -6.05 -4.27 -27.12
C GLN C 114 -6.02 -3.98 -26.98
N MET C 115 -4.79 -4.05 -27.50
CA MET C 115 -4.46 -3.44 -28.78
C MET C 115 -4.66 -4.45 -29.90
N GLU C 116 -4.92 -3.97 -31.11
CA GLU C 116 -4.96 -4.86 -32.27
C GLU C 116 -3.60 -4.77 -32.95
N LEU C 117 -2.87 -5.89 -32.98
CA LEU C 117 -1.50 -5.88 -33.46
C LEU C 117 -1.35 -6.47 -34.84
N ASP C 118 -0.46 -5.87 -35.63
CA ASP C 118 0.03 -6.48 -36.85
C ASP C 118 1.00 -7.63 -36.52
N HIS C 119 1.25 -8.47 -37.52
CA HIS C 119 2.13 -9.62 -37.37
C HIS C 119 3.55 -9.24 -36.99
N GLU C 120 4.04 -8.13 -37.52
CA GLU C 120 5.38 -7.66 -37.23
C GLU C 120 5.59 -7.42 -35.74
N ARG C 121 4.68 -6.65 -35.15
CA ARG C 121 4.76 -6.29 -33.74
C ARG C 121 4.48 -7.50 -32.84
N MET C 122 3.48 -8.29 -33.22
CA MET C 122 3.15 -9.51 -32.49
C MET C 122 4.36 -10.43 -32.45
N SER C 123 4.90 -10.79 -33.62
CA SER C 123 6.00 -11.74 -33.64
C SER C 123 7.24 -11.19 -32.98
N TYR C 124 7.48 -9.88 -33.16
CA TYR C 124 8.67 -9.26 -32.60
C TYR C 124 8.61 -9.23 -31.06
N LEU C 125 7.44 -8.94 -30.51
CA LEU C 125 7.28 -8.97 -29.06
C LEU C 125 7.49 -10.39 -28.54
N LEU C 126 6.97 -11.38 -29.27
CA LEU C 126 7.13 -12.78 -28.88
C LEU C 126 8.59 -13.21 -28.97
N TYR C 127 9.26 -12.74 -30.01
CA TYR C 127 10.67 -13.04 -30.22
C TYR C 127 11.51 -12.55 -29.04
N GLN C 128 11.21 -11.34 -28.56
CA GLN C 128 11.96 -10.81 -27.43
C GLN C 128 11.66 -11.59 -26.17
N MET C 129 10.40 -12.00 -25.97
CA MET C 129 10.04 -12.81 -24.80
C MET C 129 10.85 -14.08 -24.82
N LEU C 130 10.92 -14.71 -25.99
CA LEU C 130 11.61 -15.99 -26.08
C LEU C 130 13.10 -15.80 -25.84
N CYS C 131 13.68 -14.72 -26.38
CA CYS C 131 15.10 -14.41 -26.14
C CYS C 131 15.39 -14.25 -24.65
N GLY C 132 14.51 -13.53 -23.95
CA GLY C 132 14.67 -13.31 -22.52
C GLY C 132 14.56 -14.61 -21.75
N ILE C 133 13.57 -15.42 -22.12
CA ILE C 133 13.34 -16.70 -21.47
C ILE C 133 14.52 -17.66 -21.65
N LYS C 134 15.08 -17.70 -22.86
CA LYS C 134 16.27 -18.51 -23.12
C LYS C 134 17.43 -18.07 -22.21
N HIS C 135 17.65 -16.76 -22.11
CA HIS C 135 18.72 -16.26 -21.26
C HIS C 135 18.51 -16.71 -19.80
N LEU C 136 17.29 -16.58 -19.29
CA LEU C 136 16.97 -17.04 -17.93
C LEU C 136 17.30 -18.51 -17.80
N HIS C 137 16.85 -19.31 -18.76
CA HIS C 137 17.08 -20.75 -18.70
C HIS C 137 18.59 -21.07 -18.67
N SER C 138 19.37 -20.36 -19.48
CA SER C 138 20.81 -20.62 -19.55
C SER C 138 21.46 -20.22 -18.23
N ALA C 139 20.88 -19.25 -17.53
CA ALA C 139 21.34 -18.91 -16.19
C ALA C 139 20.78 -19.85 -15.10
N GLY C 140 20.16 -20.96 -15.49
CA GLY C 140 19.63 -21.89 -14.51
C GLY C 140 18.36 -21.37 -13.81
N ILE C 141 17.65 -20.48 -14.48
CA ILE C 141 16.44 -19.89 -13.89
C ILE C 141 15.22 -20.16 -14.76
N ILE C 142 14.29 -20.95 -14.25
CA ILE C 142 13.05 -21.27 -14.94
C ILE C 142 11.95 -20.46 -14.25
N HIS C 143 11.20 -19.65 -14.99
CA HIS C 143 10.39 -18.60 -14.36
C HIS C 143 9.18 -19.22 -13.67
N ARG C 144 8.41 -20.00 -14.45
CA ARG C 144 7.18 -20.70 -14.01
C ARG C 144 5.95 -19.81 -13.88
N ASP C 145 6.16 -18.54 -13.53
CA ASP C 145 5.06 -17.63 -13.22
C ASP C 145 4.88 -16.51 -14.24
N LEU C 146 5.33 -16.73 -15.47
CA LEU C 146 5.17 -15.72 -16.51
C LEU C 146 3.70 -15.39 -16.73
N LYS C 147 3.39 -14.11 -16.86
CA LYS C 147 2.02 -13.67 -17.17
C LYS C 147 2.07 -12.26 -17.73
N PRO C 148 0.95 -11.73 -18.24
CA PRO C 148 1.03 -10.41 -18.87
C PRO C 148 1.49 -9.31 -17.92
N SER C 149 1.27 -9.48 -16.62
CA SER C 149 1.58 -8.39 -15.69
C SER C 149 3.05 -8.33 -15.29
N ASN C 150 3.83 -9.39 -15.56
CA ASN C 150 5.26 -9.34 -15.27
C ASN C 150 6.14 -9.32 -16.52
N ILE C 151 5.53 -8.98 -17.65
CA ILE C 151 6.26 -8.69 -18.86
C ILE C 151 5.99 -7.23 -19.22
N VAL C 152 7.04 -6.43 -19.31
CA VAL C 152 6.87 -5.00 -19.52
C VAL C 152 7.41 -4.51 -20.86
N VAL C 153 6.82 -3.45 -21.40
CA VAL C 153 7.21 -2.96 -22.71
C VAL C 153 7.38 -1.43 -22.73
N LYS C 154 7.94 -0.94 -23.83
CA LYS C 154 8.07 0.50 -24.04
C LYS C 154 7.48 0.86 -25.39
N SER C 155 7.29 2.16 -25.61
CA SER C 155 6.71 2.70 -26.84
C SER C 155 7.57 2.50 -28.08
N ASP C 156 8.80 2.05 -27.91
CA ASP C 156 9.66 1.78 -29.06
C ASP C 156 9.61 0.30 -29.40
N CYS C 157 8.65 -0.37 -28.76
CA CYS C 157 8.35 -1.79 -29.00
C CYS C 157 9.41 -2.75 -28.44
N THR C 158 10.18 -2.30 -27.45
CA THR C 158 11.10 -3.19 -26.73
C THR C 158 10.41 -3.81 -25.51
N LEU C 159 10.92 -4.95 -25.08
CA LEU C 159 10.25 -5.75 -24.05
C LEU C 159 11.26 -6.32 -23.08
N LYS C 160 10.89 -6.36 -21.80
CA LYS C 160 11.69 -7.01 -20.75
C LYS C 160 10.80 -7.81 -19.80
N ILE C 161 11.34 -8.92 -19.33
CA ILE C 161 10.68 -9.76 -18.33
C ILE C 161 11.13 -9.34 -16.92
N LEU C 162 10.19 -9.30 -15.99
CA LEU C 162 10.60 -9.15 -14.58
C LEU C 162 10.14 -10.29 -13.66
N ASP C 163 10.49 -10.19 -12.38
CA ASP C 163 10.03 -11.10 -11.33
C ASP C 163 10.48 -12.57 -11.43
N PHE C 164 11.56 -12.81 -12.15
CA PHE C 164 12.06 -14.18 -12.25
C PHE C 164 12.59 -14.69 -10.93
N GLY C 165 12.11 -15.85 -10.52
CA GLY C 165 12.61 -16.51 -9.32
C GLY C 165 12.03 -15.99 -8.01
N LEU C 166 11.12 -15.02 -8.12
CA LEU C 166 10.57 -14.38 -6.93
C LEU C 166 9.26 -15.03 -6.56
N ALA C 167 8.98 -15.11 -5.25
CA ALA C 167 7.69 -15.55 -4.76
C ALA C 167 6.63 -14.59 -5.28
N ARG C 168 5.48 -15.12 -5.70
CA ARG C 168 4.40 -14.26 -6.20
C ARG C 168 3.75 -13.46 -5.08
N THR C 169 4.58 -12.69 -4.39
CA THR C 169 4.12 -11.75 -3.36
C THR C 169 5.22 -10.68 -3.18
N ALA C 170 6.47 -11.08 -3.40
CA ALA C 170 7.61 -10.18 -3.25
C ALA C 170 8.05 -9.54 -4.58
N GLY C 171 7.34 -9.86 -5.66
CA GLY C 171 7.69 -9.35 -6.96
C GLY C 171 7.24 -7.91 -7.18
N THR C 172 7.82 -7.28 -8.21
CA THR C 172 7.43 -5.93 -8.58
C THR C 172 6.01 -5.92 -9.12
N SER C 173 5.66 -6.96 -9.88
CA SER C 173 4.34 -7.08 -10.50
C SER C 173 3.20 -7.04 -9.48
N PHE C 174 3.40 -7.66 -8.32
CA PHE C 174 2.36 -7.70 -7.30
C PHE C 174 2.10 -6.31 -6.74
N MET C 175 3.13 -5.48 -6.74
CA MET C 175 3.06 -4.16 -6.13
C MET C 175 2.35 -3.14 -7.04
N MET C 176 2.34 -3.42 -8.34
CA MET C 176 1.82 -2.48 -9.32
C MET C 176 0.55 -2.95 -10.02
N THR C 177 -0.09 -2.04 -10.73
CA THR C 177 -1.27 -2.37 -11.54
C THR C 177 -1.05 -1.96 -13.01
N PRO C 178 -1.82 -2.56 -13.95
CA PRO C 178 -2.81 -3.63 -13.78
C PRO C 178 -2.15 -4.96 -13.37
N TYR C 179 -2.84 -5.74 -12.55
CA TYR C 179 -2.31 -7.01 -12.06
C TYR C 179 -3.24 -8.17 -12.39
N VAL C 180 -2.66 -9.33 -12.66
CA VAL C 180 -3.45 -10.52 -12.93
C VAL C 180 -2.90 -11.71 -12.15
N VAL C 181 -3.81 -12.57 -11.71
CA VAL C 181 -3.42 -13.76 -10.96
C VAL C 181 -2.63 -14.71 -11.85
N THR C 182 -1.74 -15.48 -11.26
CA THR C 182 -0.86 -16.32 -12.06
C THR C 182 -1.55 -17.62 -12.51
N ARG C 183 -2.61 -18.01 -11.80
CA ARG C 183 -3.29 -19.30 -12.02
C ARG C 183 -3.62 -19.57 -13.49
N TYR C 184 -4.09 -18.55 -14.20
CA TYR C 184 -4.53 -18.71 -15.59
C TYR C 184 -3.39 -19.12 -16.52
N TYR C 185 -2.15 -18.92 -16.08
CA TYR C 185 -1.00 -19.06 -17.00
C TYR C 185 -0.11 -20.27 -16.70
N ARG C 186 -0.43 -20.98 -15.62
CA ARG C 186 0.42 -22.07 -15.15
C ARG C 186 0.22 -23.37 -15.92
N ALA C 187 1.34 -24.02 -16.25
CA ALA C 187 1.33 -25.22 -17.08
C ALA C 187 0.57 -26.38 -16.41
N PRO C 188 0.02 -27.30 -17.22
CA PRO C 188 -0.63 -28.47 -16.62
C PRO C 188 0.27 -29.20 -15.59
N GLU C 189 1.55 -29.36 -15.91
CA GLU C 189 2.43 -30.12 -15.03
C GLU C 189 2.64 -29.39 -13.69
N VAL C 190 2.44 -28.09 -13.69
CA VAL C 190 2.48 -27.33 -12.46
C VAL C 190 1.22 -27.58 -11.64
N ILE C 191 0.05 -27.35 -12.23
CA ILE C 191 -1.15 -27.41 -11.43
C ILE C 191 -1.47 -28.84 -10.97
N LEU C 192 -1.07 -29.83 -11.77
CA LEU C 192 -1.28 -31.24 -11.44
C LEU C 192 -0.11 -31.84 -10.64
N GLY C 193 0.85 -30.99 -10.28
CA GLY C 193 1.97 -31.39 -9.44
C GLY C 193 2.86 -32.49 -9.98
N MET C 194 3.33 -32.35 -11.21
CA MET C 194 4.13 -33.41 -11.83
C MET C 194 5.60 -33.07 -11.88
N GLY C 195 5.96 -31.91 -11.35
CA GLY C 195 7.31 -31.39 -11.57
C GLY C 195 7.35 -30.84 -12.98
N TYR C 196 8.39 -30.06 -13.30
CA TYR C 196 8.41 -29.38 -14.58
C TYR C 196 9.83 -29.15 -15.03
N LYS C 197 9.97 -28.69 -16.27
CA LYS C 197 11.28 -28.38 -16.82
C LYS C 197 11.19 -27.06 -17.58
N GLU C 198 12.21 -26.78 -18.39
CA GLU C 198 12.32 -25.50 -19.12
C GLU C 198 11.06 -25.12 -19.89
N ASN C 199 10.48 -26.04 -20.63
CA ASN C 199 9.35 -25.66 -21.47
C ASN C 199 8.05 -25.37 -20.69
N VAL C 200 8.13 -25.37 -19.37
CA VAL C 200 7.03 -24.88 -18.56
C VAL C 200 6.73 -23.43 -18.94
N ASP C 201 7.78 -22.68 -19.30
CA ASP C 201 7.63 -21.28 -19.67
C ASP C 201 7.02 -21.07 -21.07
N ILE C 202 7.15 -22.08 -21.91
CA ILE C 202 6.53 -22.07 -23.23
C ILE C 202 5.00 -22.14 -23.12
N TRP C 203 4.49 -22.94 -22.19
CA TRP C 203 3.05 -23.00 -22.00
C TRP C 203 2.53 -21.60 -21.67
N SER C 204 3.23 -20.93 -20.75
CA SER C 204 2.82 -19.59 -20.34
C SER C 204 2.85 -18.64 -21.52
N VAL C 205 3.89 -18.73 -22.35
CA VAL C 205 3.97 -17.90 -23.55
C VAL C 205 2.77 -18.18 -24.47
N GLY C 206 2.37 -19.43 -24.57
CA GLY C 206 1.23 -19.78 -25.40
C GLY C 206 -0.05 -19.13 -24.89
N CYS C 207 -0.25 -19.18 -23.57
CA CYS C 207 -1.44 -18.57 -22.97
C CYS C 207 -1.45 -17.06 -23.22
N ILE C 208 -0.27 -16.46 -23.14
CA ILE C 208 -0.14 -15.03 -23.34
C ILE C 208 -0.35 -14.65 -24.81
N MET C 209 0.25 -15.40 -25.73
CA MET C 209 0.02 -15.16 -27.14
C MET C 209 -1.46 -15.36 -27.48
N GLY C 210 -2.05 -16.43 -26.95
CA GLY C 210 -3.45 -16.74 -27.18
C GLY C 210 -4.33 -15.58 -26.75
N GLU C 211 -3.98 -14.99 -25.62
CA GLU C 211 -4.73 -13.89 -25.06
C GLU C 211 -4.54 -12.61 -25.88
N MET C 212 -3.33 -12.39 -26.40
CA MET C 212 -3.09 -11.26 -27.29
C MET C 212 -3.94 -11.37 -28.57
N VAL C 213 -4.13 -12.60 -29.04
CA VAL C 213 -4.88 -12.82 -30.26
C VAL C 213 -6.38 -12.69 -30.00
N ARG C 214 -6.85 -13.35 -28.94
CA ARG C 214 -8.28 -13.37 -28.65
C ARG C 214 -8.76 -12.14 -27.87
N HIS C 215 -7.82 -11.39 -27.30
CA HIS C 215 -8.15 -10.22 -26.45
C HIS C 215 -8.94 -10.63 -25.22
N LYS C 216 -8.79 -11.89 -24.82
CA LYS C 216 -9.42 -12.43 -23.62
C LYS C 216 -8.59 -13.58 -23.07
N ILE C 217 -8.65 -13.76 -21.74
CA ILE C 217 -7.85 -14.77 -21.06
C ILE C 217 -8.23 -16.13 -21.59
N LEU C 218 -7.25 -16.94 -21.93
CA LEU C 218 -7.53 -18.24 -22.53
C LEU C 218 -8.26 -19.16 -21.58
N PHE C 219 -7.65 -19.39 -20.43
CA PHE C 219 -8.15 -20.36 -19.46
C PHE C 219 -8.40 -19.67 -18.13
N PRO C 220 -9.54 -18.96 -18.02
CA PRO C 220 -9.84 -18.22 -16.80
C PRO C 220 -10.54 -19.10 -15.77
N GLY C 221 -9.79 -20.00 -15.15
CA GLY C 221 -10.39 -20.87 -14.15
C GLY C 221 -10.61 -20.13 -12.83
N ARG C 222 -11.73 -20.39 -12.18
CA ARG C 222 -12.05 -19.82 -10.87
C ARG C 222 -11.16 -20.38 -9.77
N ASP C 223 -10.67 -21.59 -9.98
CA ASP C 223 -9.72 -22.26 -9.08
C ASP C 223 -9.02 -23.34 -9.90
N TYR C 224 -8.21 -24.17 -9.25
CA TYR C 224 -7.41 -25.16 -9.98
C TYR C 224 -8.17 -26.35 -10.55
N ILE C 225 -9.31 -26.70 -9.97
CA ILE C 225 -10.20 -27.68 -10.58
C ILE C 225 -10.80 -27.10 -11.87
N ASP C 226 -11.34 -25.89 -11.75
CA ASP C 226 -11.91 -25.17 -12.88
C ASP C 226 -10.84 -24.93 -13.95
N GLN C 227 -9.63 -24.63 -13.48
CA GLN C 227 -8.50 -24.36 -14.35
C GLN C 227 -8.29 -25.56 -15.26
N TRP C 228 -8.21 -26.75 -14.66
CA TRP C 228 -7.95 -27.96 -15.44
C TRP C 228 -9.07 -28.22 -16.43
N ASN C 229 -10.31 -28.09 -15.97
CA ASN C 229 -11.47 -28.26 -16.84
C ASN C 229 -11.40 -27.36 -18.05
N LYS C 230 -11.08 -26.08 -17.83
CA LYS C 230 -11.09 -25.11 -18.93
C LYS C 230 -10.06 -25.52 -19.98
N VAL C 231 -8.91 -26.05 -19.52
CA VAL C 231 -7.86 -26.53 -20.43
C VAL C 231 -8.33 -27.74 -21.26
N ILE C 232 -8.80 -28.79 -20.61
CA ILE C 232 -9.20 -29.99 -21.34
C ILE C 232 -10.40 -29.77 -22.27
N GLU C 233 -11.37 -28.95 -21.85
CA GLU C 233 -12.53 -28.60 -22.69
C GLU C 233 -12.09 -27.95 -23.99
N GLN C 234 -11.06 -27.12 -23.92
CA GLN C 234 -10.63 -26.42 -25.12
C GLN C 234 -9.59 -27.18 -25.93
N LEU C 235 -8.69 -27.89 -25.25
CA LEU C 235 -7.57 -28.54 -25.94
C LEU C 235 -7.78 -30.03 -26.09
N GLY C 236 -8.73 -30.58 -25.33
CA GLY C 236 -8.93 -32.02 -25.32
C GLY C 236 -8.27 -32.73 -24.15
N THR C 237 -8.84 -33.89 -23.81
CA THR C 237 -8.27 -34.80 -22.84
C THR C 237 -6.90 -35.28 -23.31
N PRO C 238 -5.88 -35.18 -22.43
CA PRO C 238 -4.53 -35.58 -22.82
C PRO C 238 -4.42 -37.09 -22.99
N CYS C 239 -3.33 -37.55 -23.59
CA CYS C 239 -3.13 -38.97 -23.88
CA CYS C 239 -3.15 -38.97 -23.87
C CYS C 239 -3.01 -39.78 -22.59
N PRO C 240 -3.31 -41.09 -22.67
CA PRO C 240 -3.10 -41.97 -21.51
C PRO C 240 -1.67 -41.93 -20.98
N GLU C 241 -0.68 -41.82 -21.85
CA GLU C 241 0.71 -41.87 -21.40
C GLU C 241 1.11 -40.60 -20.65
N PHE C 242 0.38 -39.53 -20.85
CA PHE C 242 0.57 -38.34 -20.01
C PHE C 242 -0.04 -38.63 -18.64
N MET C 243 -1.26 -39.17 -18.65
CA MET C 243 -1.99 -39.41 -17.41
C MET C 243 -1.31 -40.43 -16.48
N LYS C 244 -0.56 -41.37 -17.03
CA LYS C 244 0.15 -42.36 -16.22
C LYS C 244 1.27 -41.74 -15.39
N LYS C 245 1.68 -40.53 -15.76
CA LYS C 245 2.75 -39.85 -15.04
C LYS C 245 2.26 -39.17 -13.75
N LEU C 246 0.94 -39.10 -13.60
CA LEU C 246 0.31 -38.43 -12.44
C LEU C 246 0.39 -39.24 -11.16
N GLN C 247 0.47 -38.55 -10.02
CA GLN C 247 0.38 -39.19 -8.71
C GLN C 247 -0.98 -39.88 -8.55
N PRO C 248 -1.09 -40.89 -7.65
CA PRO C 248 -2.22 -41.84 -7.67
C PRO C 248 -3.63 -41.25 -7.60
N THR C 249 -3.92 -40.41 -6.62
CA THR C 249 -5.27 -39.88 -6.50
C THR C 249 -5.59 -38.88 -7.61
N VAL C 250 -4.63 -38.02 -7.94
CA VAL C 250 -4.88 -37.02 -8.96
C VAL C 250 -5.03 -37.69 -10.33
N ARG C 251 -4.33 -38.80 -10.52
CA ARG C 251 -4.40 -39.53 -11.78
C ARG C 251 -5.83 -40.06 -11.97
N ASN C 252 -6.39 -40.57 -10.89
CA ASN C 252 -7.73 -41.13 -10.95
CA ASN C 252 -7.73 -41.12 -10.90
C ASN C 252 -8.77 -40.05 -11.15
N TYR C 253 -8.56 -38.89 -10.53
CA TYR C 253 -9.43 -37.75 -10.73
C TYR C 253 -9.44 -37.31 -12.20
N VAL C 254 -8.23 -37.16 -12.75
CA VAL C 254 -8.05 -36.73 -14.13
C VAL C 254 -8.60 -37.76 -15.10
N GLU C 255 -8.38 -39.03 -14.80
CA GLU C 255 -8.84 -40.11 -15.67
C GLU C 255 -10.35 -40.24 -15.63
N ASN C 256 -10.96 -39.83 -14.51
CA ASN C 256 -12.40 -39.95 -14.36
C ASN C 256 -13.19 -38.75 -14.88
N ARG C 257 -12.50 -37.71 -15.32
CA ARG C 257 -13.17 -36.58 -15.97
C ARG C 257 -13.82 -37.07 -17.27
N PRO C 258 -14.93 -36.44 -17.68
CA PRO C 258 -15.51 -36.74 -19.00
C PRO C 258 -14.46 -36.52 -20.10
N LYS C 259 -14.46 -37.34 -21.15
CA LYS C 259 -13.43 -37.25 -22.18
CA LYS C 259 -13.43 -37.24 -22.18
C LYS C 259 -13.79 -36.19 -23.23
N TYR C 260 -13.01 -35.11 -23.29
CA TYR C 260 -13.28 -34.01 -24.21
C TYR C 260 -12.42 -34.10 -25.47
N ALA C 261 -13.05 -33.84 -26.63
CA ALA C 261 -12.37 -33.89 -27.91
C ALA C 261 -11.43 -32.70 -28.07
N GLY C 262 -11.90 -31.53 -27.68
CA GLY C 262 -11.10 -30.33 -27.83
C GLY C 262 -11.33 -29.65 -29.17
N LEU C 263 -11.26 -28.33 -29.16
CA LEU C 263 -11.47 -27.54 -30.35
C LEU C 263 -10.19 -27.49 -31.15
N THR C 264 -10.31 -27.57 -32.47
CA THR C 264 -9.16 -27.43 -33.34
C THR C 264 -8.57 -26.02 -33.16
N PHE C 265 -7.31 -25.85 -33.56
CA PHE C 265 -6.75 -24.50 -33.47
C PHE C 265 -7.37 -23.46 -34.44
N PRO C 266 -7.78 -23.88 -35.66
CA PRO C 266 -8.55 -22.89 -36.44
C PRO C 266 -9.85 -22.48 -35.74
N LYS C 267 -10.45 -23.39 -34.97
CA LYS C 267 -11.62 -23.03 -34.19
C LYS C 267 -11.28 -22.07 -33.03
N LEU C 268 -10.19 -22.36 -32.31
CA LEU C 268 -9.80 -21.52 -31.18
C LEU C 268 -9.37 -20.14 -31.63
N PHE C 269 -8.62 -20.07 -32.73
CA PHE C 269 -8.13 -18.80 -33.24
C PHE C 269 -8.50 -18.57 -34.72
N PRO C 270 -9.77 -18.22 -34.97
CA PRO C 270 -10.30 -17.97 -36.33
C PRO C 270 -9.55 -16.87 -37.08
N ASP C 271 -9.74 -16.82 -38.40
CA ASP C 271 -9.10 -15.79 -39.22
C ASP C 271 -9.61 -14.43 -38.80
N SER C 272 -10.87 -14.41 -38.37
CA SER C 272 -11.51 -13.21 -37.81
C SER C 272 -10.63 -12.40 -36.84
N LEU C 273 -9.68 -13.06 -36.19
CA LEU C 273 -8.84 -12.42 -35.19
C LEU C 273 -7.47 -12.00 -35.74
N PHE C 274 -7.19 -12.39 -36.97
CA PHE C 274 -5.91 -12.08 -37.59
C PHE C 274 -6.04 -11.04 -38.72
N PRO C 275 -4.96 -10.29 -39.00
CA PRO C 275 -4.95 -9.26 -40.04
C PRO C 275 -5.30 -9.75 -41.45
N ASN C 281 -0.43 -10.11 -46.40
CA ASN C 281 0.23 -10.66 -45.23
C ASN C 281 0.01 -12.15 -45.05
N LYS C 282 -0.96 -12.49 -44.20
CA LYS C 282 -1.14 -13.84 -43.69
C LYS C 282 -1.74 -14.82 -44.71
N LEU C 283 -1.12 -15.96 -45.02
CA LEU C 283 0.15 -16.57 -44.53
C LEU C 283 1.07 -15.84 -43.55
N LYS C 284 0.75 -16.02 -42.27
CA LYS C 284 1.41 -15.40 -41.12
C LYS C 284 0.44 -15.83 -40.02
N ALA C 285 -0.85 -15.76 -40.35
CA ALA C 285 -1.90 -16.24 -39.46
C ALA C 285 -1.88 -17.76 -39.41
N SER C 286 -1.53 -18.38 -40.53
CA SER C 286 -1.28 -19.82 -40.55
C SER C 286 -0.09 -20.14 -39.64
N GLN C 287 0.98 -19.36 -39.80
CA GLN C 287 2.19 -19.58 -39.01
C GLN C 287 1.95 -19.31 -37.54
N ALA C 288 1.22 -18.26 -37.22
CA ALA C 288 0.95 -17.89 -35.83
C ALA C 288 0.11 -19.00 -35.19
N ARG C 289 -0.93 -19.41 -35.92
CA ARG C 289 -1.80 -20.45 -35.40
C ARG C 289 -1.02 -21.75 -35.19
N ASP C 290 -0.10 -22.05 -36.11
CA ASP C 290 0.73 -23.24 -35.96
C ASP C 290 1.60 -23.15 -34.69
N LEU C 291 2.27 -22.01 -34.49
CA LEU C 291 3.10 -21.81 -33.31
C LEU C 291 2.26 -22.02 -32.07
N LEU C 292 1.05 -21.48 -32.08
CA LEU C 292 0.14 -21.63 -30.95
C LEU C 292 -0.17 -23.10 -30.66
N SER C 293 -0.33 -23.87 -31.73
CA SER C 293 -0.72 -25.27 -31.60
C SER C 293 0.44 -26.10 -31.10
N LYS C 294 1.64 -25.52 -31.12
CA LYS C 294 2.83 -26.23 -30.66
C LYS C 294 3.22 -25.81 -29.24
N MET C 295 2.82 -24.61 -28.83
CA MET C 295 3.07 -24.15 -27.47
C MET C 295 1.94 -24.59 -26.51
N LEU C 296 0.69 -24.46 -26.95
CA LEU C 296 -0.45 -24.84 -26.12
C LEU C 296 -0.68 -26.34 -26.27
N VAL C 297 0.22 -27.10 -25.66
CA VAL C 297 0.24 -28.54 -25.72
C VAL C 297 0.34 -29.02 -24.28
N ILE C 298 -0.66 -29.75 -23.83
CA ILE C 298 -0.77 -30.19 -22.44
C ILE C 298 0.44 -30.97 -21.94
N ASP C 299 0.89 -31.95 -22.71
CA ASP C 299 1.99 -32.83 -22.30
C ASP C 299 3.33 -32.15 -22.56
N PRO C 300 4.09 -31.86 -21.47
CA PRO C 300 5.38 -31.20 -21.70
C PRO C 300 6.31 -31.96 -22.65
N ALA C 301 6.27 -33.29 -22.61
CA ALA C 301 7.04 -34.15 -23.53
C ALA C 301 6.74 -33.88 -25.00
N LYS C 302 5.59 -33.31 -25.30
CA LYS C 302 5.19 -33.02 -26.68
C LYS C 302 5.15 -31.53 -27.01
N ARG C 303 5.44 -30.67 -26.03
CA ARG C 303 5.37 -29.23 -26.25
C ARG C 303 6.67 -28.70 -26.86
N ILE C 304 6.55 -27.70 -27.73
CA ILE C 304 7.72 -27.10 -28.36
C ILE C 304 8.65 -26.48 -27.32
N SER C 305 9.95 -26.60 -27.54
CA SER C 305 10.95 -26.05 -26.63
C SER C 305 11.21 -24.61 -27.01
N VAL C 306 12.02 -23.93 -26.19
CA VAL C 306 12.35 -22.54 -26.47
C VAL C 306 13.19 -22.40 -27.75
N ASP C 307 14.18 -23.27 -27.92
CA ASP C 307 15.02 -23.19 -29.13
C ASP C 307 14.20 -23.38 -30.39
N ASP C 308 13.29 -24.34 -30.37
CA ASP C 308 12.47 -24.58 -31.56
C ASP C 308 11.45 -23.48 -31.81
N ALA C 309 10.99 -22.83 -30.74
CA ALA C 309 10.06 -21.70 -30.90
C ALA C 309 10.79 -20.55 -31.58
N LEU C 310 12.02 -20.29 -31.18
CA LEU C 310 12.82 -19.28 -31.81
C LEU C 310 13.07 -19.62 -33.29
N GLN C 311 13.03 -20.92 -33.60
CA GLN C 311 13.21 -21.41 -34.98
C GLN C 311 11.97 -21.26 -35.82
N HIS C 312 10.81 -21.21 -35.17
CA HIS C 312 9.53 -21.25 -35.88
C HIS C 312 9.44 -20.15 -36.92
N PRO C 313 8.87 -20.46 -38.11
CA PRO C 313 8.72 -19.47 -39.19
C PRO C 313 8.14 -18.15 -38.72
N TYR C 314 7.24 -18.19 -37.74
CA TYR C 314 6.60 -16.97 -37.29
C TYR C 314 7.55 -16.06 -36.49
N ILE C 315 8.57 -16.67 -35.88
CA ILE C 315 9.46 -15.94 -34.98
C ILE C 315 10.82 -15.72 -35.63
N ASN C 316 11.24 -16.69 -36.44
CA ASN C 316 12.60 -16.77 -36.93
C ASN C 316 13.03 -15.58 -37.80
N VAL C 317 12.07 -14.83 -38.32
CA VAL C 317 12.39 -13.69 -39.18
C VAL C 317 13.30 -12.67 -38.48
N TRP C 318 13.24 -12.62 -37.15
CA TRP C 318 14.00 -11.64 -36.38
C TRP C 318 15.33 -12.18 -35.86
N TYR C 319 15.61 -13.45 -36.14
CA TYR C 319 16.71 -14.14 -35.49
C TYR C 319 18.06 -13.43 -35.63
N ASP C 320 18.64 -13.10 -34.49
CA ASP C 320 19.99 -12.55 -34.41
C ASP C 320 20.74 -13.34 -33.35
N PRO C 321 21.77 -14.11 -33.76
CA PRO C 321 22.52 -14.98 -32.86
C PRO C 321 23.09 -14.26 -31.64
N ALA C 322 23.36 -12.96 -31.74
CA ALA C 322 23.92 -12.24 -30.61
C ALA C 322 22.87 -12.06 -29.51
N GLU C 323 21.59 -12.03 -29.90
CA GLU C 323 20.50 -11.87 -28.95
C GLU C 323 20.06 -13.21 -28.37
N VAL C 324 20.23 -14.26 -29.17
CA VAL C 324 19.78 -15.59 -28.80
C VAL C 324 20.84 -16.32 -28.00
N GLU C 325 22.09 -16.23 -28.45
CA GLU C 325 23.18 -16.98 -27.85
C GLU C 325 23.96 -16.19 -26.79
N ALA C 326 23.50 -14.99 -26.47
CA ALA C 326 24.11 -14.17 -25.43
C ALA C 326 24.17 -14.93 -24.09
N PRO C 327 25.38 -15.17 -23.55
CA PRO C 327 25.54 -15.98 -22.34
C PRO C 327 25.31 -15.19 -21.08
N PRO C 328 24.80 -15.85 -20.02
CA PRO C 328 24.55 -15.15 -18.76
C PRO C 328 25.86 -14.97 -18.01
N PRO C 329 25.99 -13.89 -17.22
CA PRO C 329 27.18 -13.63 -16.41
C PRO C 329 27.47 -14.76 -15.43
N GLN C 330 26.44 -15.29 -14.79
CA GLN C 330 26.60 -16.38 -13.84
C GLN C 330 25.47 -17.39 -14.02
N ILE C 331 25.67 -18.58 -13.48
CA ILE C 331 24.60 -19.56 -13.42
C ILE C 331 24.11 -19.65 -11.98
N TYR C 332 22.81 -19.46 -11.78
CA TYR C 332 22.24 -19.49 -10.43
C TYR C 332 22.51 -20.82 -9.73
N ASP C 333 23.03 -20.74 -8.51
CA ASP C 333 23.38 -21.91 -7.73
C ASP C 333 22.21 -22.29 -6.82
N LYS C 334 21.53 -23.38 -7.14
CA LYS C 334 20.34 -23.76 -6.38
C LYS C 334 20.65 -24.25 -4.94
N GLN C 335 21.92 -24.48 -4.64
CA GLN C 335 22.30 -24.75 -3.25
C GLN C 335 21.95 -23.56 -2.35
N LEU C 336 21.76 -22.39 -2.96
CA LEU C 336 21.31 -21.20 -2.23
C LEU C 336 19.89 -21.36 -1.69
N ASP C 337 19.03 -22.03 -2.44
CA ASP C 337 17.64 -22.22 -2.03
C ASP C 337 17.52 -22.95 -0.69
N GLU C 338 18.46 -23.85 -0.40
CA GLU C 338 18.40 -24.68 0.80
C GLU C 338 19.37 -24.22 1.88
N ARG C 339 19.86 -22.99 1.77
CA ARG C 339 20.86 -22.46 2.70
C ARG C 339 20.20 -21.76 3.90
N GLU C 340 20.78 -21.99 5.08
CA GLU C 340 20.30 -21.37 6.32
C GLU C 340 21.31 -20.38 6.88
N HIS C 341 20.83 -19.23 7.32
CA HIS C 341 21.65 -18.28 8.07
C HIS C 341 20.76 -17.57 9.09
N THR C 342 21.36 -17.02 10.13
CA THR C 342 20.62 -16.15 11.03
C THR C 342 20.33 -14.87 10.25
N ILE C 343 19.47 -14.04 10.79
CA ILE C 343 19.12 -12.78 10.15
C ILE C 343 20.34 -11.89 10.01
N GLU C 344 21.07 -11.79 11.10
CA GLU C 344 22.32 -11.05 11.15
C GLU C 344 23.34 -11.53 10.10
N GLU C 345 23.37 -12.84 9.86
CA GLU C 345 24.25 -13.38 8.83
C GLU C 345 23.74 -13.03 7.43
N TRP C 346 22.42 -13.09 7.22
CA TRP C 346 21.88 -12.72 5.92
C TRP C 346 22.20 -11.25 5.67
N LYS C 347 22.09 -10.46 6.73
CA LYS C 347 22.27 -9.02 6.68
C LYS C 347 23.69 -8.64 6.22
N GLU C 348 24.69 -9.34 6.75
CA GLU C 348 26.07 -9.11 6.37
C GLU C 348 26.33 -9.54 4.93
N LEU C 349 25.77 -10.68 4.52
CA LEU C 349 25.85 -11.12 3.13
C LEU C 349 25.25 -10.08 2.17
N ILE C 350 24.11 -9.54 2.55
CA ILE C 350 23.42 -8.57 1.73
C ILE C 350 24.23 -7.28 1.70
N TYR C 351 24.71 -6.86 2.87
CA TYR C 351 25.50 -5.64 2.96
C TYR C 351 26.69 -5.70 2.00
N LYS C 352 27.41 -6.81 1.99
CA LYS C 352 28.57 -6.92 1.10
C LYS C 352 28.14 -6.77 -0.36
N GLU C 353 27.01 -7.37 -0.72
CA GLU C 353 26.54 -7.31 -2.11
C GLU C 353 26.17 -5.89 -2.50
N VAL C 354 25.55 -5.17 -1.56
CA VAL C 354 25.14 -3.80 -1.82
C VAL C 354 26.36 -2.88 -1.96
N MET C 355 27.34 -3.05 -1.07
CA MET C 355 28.58 -2.25 -1.10
C MET C 355 29.54 -2.67 -2.21
N ASN C 356 29.34 -3.85 -2.78
CA ASN C 356 30.15 -4.31 -3.88
C ASN C 356 30.09 -3.37 -5.09
N VAL D 1 13.04 -7.36 -43.44
CA VAL D 1 13.45 -7.16 -42.05
C VAL D 1 12.82 -5.90 -41.47
N VAL D 2 13.66 -4.94 -41.09
CA VAL D 2 13.28 -3.78 -40.27
C VAL D 2 12.36 -4.07 -39.06
N ARG D 3 12.96 -4.04 -37.88
CA ARG D 3 12.19 -4.27 -36.67
C ARG D 3 11.28 -3.08 -36.39
N PRO D 4 10.05 -3.36 -35.95
CA PRO D 4 9.14 -2.29 -35.55
C PRO D 4 9.85 -1.42 -34.53
N GLY D 5 9.63 -0.11 -34.59
CA GLY D 5 10.34 0.78 -33.70
C GLY D 5 9.36 1.58 -32.89
N SER D 6 8.08 1.24 -33.01
CA SER D 6 7.05 1.92 -32.25
C SER D 6 5.95 0.97 -31.79
N LEU D 7 5.30 1.32 -30.70
CA LEU D 7 4.22 0.53 -30.15
C LEU D 7 3.23 1.51 -29.54
N ASP D 8 2.02 1.49 -30.06
CA ASP D 8 1.03 2.53 -29.78
C ASP D 8 0.33 2.31 -28.44
N LEU D 9 1.08 2.51 -27.36
CA LEU D 9 0.54 2.32 -26.02
C LEU D 9 -0.31 3.52 -25.63
N PRO D 10 -1.43 3.26 -24.94
CA PRO D 10 -2.29 4.31 -24.39
C PRO D 10 -1.52 5.20 -23.41
#